data_1SG4
#
_entry.id   1SG4
#
_cell.length_a   100.984
_cell.length_b   78.288
_cell.length_c   113.209
_cell.angle_alpha   90.00
_cell.angle_beta   116.39
_cell.angle_gamma   90.00
#
_symmetry.space_group_name_H-M   'C 1 2 1'
#
loop_
_entity.id
_entity.type
_entity.pdbx_description
1 polymer '3,2-trans-enoyl-CoA isomerase, mitochondrial'
2 non-polymer 'OCTANOYL-COENZYME A'
3 water water
#
_entity_poly.entity_id   1
_entity_poly.type   'polypeptide(L)'
_entity_poly.pdbx_seq_one_letter_code
;GSQRVLVEPDAGAGVAVMKFKNPPVNSLSLEFLTELVISLEKLENDKSFRGVILTSDRPGVFSAGLDLTEMCGRSPAHYA
GYWKAVQELWLRLYQSNLVLVSAINGACPAGGCLVALTCDYRILADNPRYCIGLNETQLGIIAPFWLKDTLENTIGHRAA
ERALQLGLLFPPAEALQVGIVDQVVPEEQVQSTALSAIAQWMAIPDHARQLTKAMMRKATASRLVTQRDADVQNFVSFIS
KDSIQKSLQMYLERLKEEKG
;
_entity_poly.pdbx_strand_id   A,B,C
#
# COMPACT_ATOMS: atom_id res chain seq x y z
N SER A 2 7.80 24.72 -27.26
CA SER A 2 8.66 25.69 -27.93
C SER A 2 8.98 26.90 -27.06
N GLN A 3 8.09 27.89 -27.14
CA GLN A 3 8.20 29.07 -26.31
C GLN A 3 8.30 28.75 -24.83
N ARG A 4 7.34 27.96 -24.34
CA ARG A 4 7.19 27.82 -22.92
C ARG A 4 7.89 26.57 -22.38
N VAL A 5 8.46 25.79 -23.27
CA VAL A 5 9.22 24.59 -22.93
C VAL A 5 10.58 24.67 -23.61
N LEU A 6 11.67 24.78 -22.86
CA LEU A 6 13.03 24.73 -23.40
C LEU A 6 13.54 23.29 -23.35
N VAL A 7 13.86 22.74 -24.51
CA VAL A 7 14.44 21.39 -24.56
C VAL A 7 15.94 21.51 -24.75
N GLU A 8 16.76 21.05 -23.85
CA GLU A 8 18.21 20.95 -24.08
C GLU A 8 18.58 19.50 -24.33
N PRO A 9 18.79 19.14 -25.59
CA PRO A 9 19.13 17.76 -25.96
C PRO A 9 20.59 17.40 -25.92
N ASP A 10 20.87 16.19 -25.43
CA ASP A 10 22.21 15.59 -25.57
C ASP A 10 21.99 14.24 -26.25
N ALA A 11 21.84 14.27 -27.57
CA ALA A 11 21.58 13.05 -28.32
C ALA A 11 22.65 11.98 -28.09
N GLY A 12 23.90 12.34 -27.84
CA GLY A 12 24.94 11.34 -27.64
C GLY A 12 24.75 10.56 -26.36
N ALA A 13 24.30 11.26 -25.32
CA ALA A 13 23.94 10.60 -24.09
C ALA A 13 22.56 9.96 -24.11
N GLY A 14 21.68 10.29 -25.04
CA GLY A 14 20.30 9.82 -25.08
C GLY A 14 19.39 10.52 -24.09
N VAL A 15 19.79 11.64 -23.58
CA VAL A 15 19.08 12.41 -22.57
C VAL A 15 18.71 13.80 -23.07
N ALA A 16 17.54 14.27 -22.68
CA ALA A 16 17.18 15.67 -22.84
C ALA A 16 16.71 16.23 -21.51
N VAL A 17 16.91 17.55 -21.38
CA VAL A 17 16.33 18.25 -20.22
C VAL A 17 15.25 19.11 -20.78
N MET A 18 14.07 19.03 -20.22
CA MET A 18 12.90 19.84 -20.52
C MET A 18 12.75 20.82 -19.39
N LYS A 19 12.97 22.08 -19.73
CA LYS A 19 12.92 23.15 -18.76
C LYS A 19 11.65 23.97 -18.94
N PHE A 20 10.90 24.06 -17.84
CA PHE A 20 9.68 24.83 -17.92
C PHE A 20 9.98 26.34 -17.91
N LYS A 21 9.35 27.02 -18.84
CA LYS A 21 9.61 28.45 -19.06
C LYS A 21 8.31 29.23 -19.25
N ASN A 22 7.37 29.11 -18.29
CA ASN A 22 6.12 29.84 -18.37
C ASN A 22 6.02 30.72 -17.14
N PRO A 23 6.81 31.80 -17.10
CA PRO A 23 6.83 32.63 -15.90
C PRO A 23 5.50 33.33 -15.70
N PRO A 24 5.21 33.80 -14.49
CA PRO A 24 6.12 33.75 -13.37
C PRO A 24 6.21 32.46 -12.59
N VAL A 25 5.29 31.50 -12.80
CA VAL A 25 5.24 30.37 -11.87
C VAL A 25 4.96 29.04 -12.57
N ASN A 26 5.19 28.98 -13.87
CA ASN A 26 4.93 27.79 -14.65
C ASN A 26 3.50 27.27 -14.39
N SER A 27 2.54 28.18 -14.34
CA SER A 27 1.14 27.80 -14.27
C SER A 27 0.79 27.02 -15.52
N LEU A 28 -0.08 26.03 -15.40
CA LEU A 28 -0.48 25.10 -16.44
C LEU A 28 -1.56 25.73 -17.32
N SER A 29 -1.16 26.73 -18.06
CA SER A 29 -2.01 27.30 -19.11
C SER A 29 -2.27 26.29 -20.21
N LEU A 30 -3.28 26.42 -21.08
CA LEU A 30 -3.45 25.49 -22.20
C LEU A 30 -2.28 25.46 -23.14
N GLU A 31 -1.65 26.62 -23.44
CA GLU A 31 -0.50 26.63 -24.34
C GLU A 31 0.64 25.82 -23.72
N PHE A 32 0.79 26.01 -22.41
CA PHE A 32 1.85 25.33 -21.69
C PHE A 32 1.58 23.83 -21.66
N LEU A 33 0.36 23.41 -21.35
CA LEU A 33 0.00 22.00 -21.30
C LEU A 33 0.22 21.31 -22.65
N THR A 34 -0.19 22.11 -23.66
CA THR A 34 -0.12 21.71 -25.05
C THR A 34 1.34 21.58 -25.51
N GLU A 35 2.13 22.59 -25.24
CA GLU A 35 3.56 22.58 -25.59
C GLU A 35 4.32 21.48 -24.87
N LEU A 36 3.96 21.19 -23.62
CA LEU A 36 4.61 20.14 -22.85
C LEU A 36 4.39 18.79 -23.52
N VAL A 37 3.15 18.50 -23.90
CA VAL A 37 2.83 17.22 -24.49
C VAL A 37 3.46 17.04 -25.87
N ILE A 38 3.49 18.08 -26.68
CA ILE A 38 4.11 18.03 -28.01
C ILE A 38 5.59 17.73 -27.92
N SER A 39 6.20 18.41 -26.97
CA SER A 39 7.63 18.30 -26.72
C SER A 39 7.96 16.90 -26.24
N LEU A 40 7.16 16.38 -25.29
CA LEU A 40 7.36 15.02 -24.81
C LEU A 40 7.19 14.03 -25.96
N GLU A 41 6.13 14.21 -26.75
CA GLU A 41 5.90 13.30 -27.88
C GLU A 41 7.03 13.24 -28.87
N LYS A 42 7.63 14.39 -29.20
CA LYS A 42 8.75 14.42 -30.14
C LYS A 42 9.97 13.69 -29.58
N LEU A 43 10.16 13.80 -28.26
CA LEU A 43 11.31 13.13 -27.62
C LEU A 43 11.06 11.63 -27.56
N GLU A 44 9.81 11.26 -27.32
CA GLU A 44 9.40 9.87 -27.46
C GLU A 44 9.68 9.33 -28.86
N ASN A 45 9.24 10.01 -29.92
CA ASN A 45 9.41 9.41 -31.24
C ASN A 45 10.82 9.52 -31.80
N ASP A 46 11.62 10.36 -31.19
CA ASP A 46 13.03 10.46 -31.56
C ASP A 46 13.78 9.32 -30.88
N LYS A 47 14.15 8.25 -31.59
CA LYS A 47 14.79 7.07 -31.02
C LYS A 47 16.14 7.40 -30.38
N SER A 48 16.67 8.60 -30.62
CA SER A 48 17.92 9.00 -29.99
C SER A 48 17.75 9.22 -28.50
N PHE A 49 16.53 9.48 -28.10
CA PHE A 49 16.27 9.92 -26.75
C PHE A 49 15.48 8.87 -25.95
N ARG A 50 16.06 8.46 -24.84
CA ARG A 50 15.39 7.50 -23.97
C ARG A 50 15.14 7.96 -22.54
N GLY A 51 15.70 9.13 -22.20
CA GLY A 51 15.40 9.64 -20.83
C GLY A 51 15.24 11.14 -20.87
N VAL A 52 14.38 11.70 -20.08
CA VAL A 52 14.16 13.13 -19.95
C VAL A 52 14.10 13.54 -18.47
N ILE A 53 14.80 14.63 -18.18
CA ILE A 53 14.74 15.29 -16.90
C ILE A 53 13.82 16.48 -17.06
N LEU A 54 12.84 16.60 -16.19
CA LEU A 54 11.93 17.73 -16.15
C LEU A 54 12.29 18.64 -14.98
N THR A 55 12.35 19.95 -15.24
CA THR A 55 12.74 20.88 -14.18
C THR A 55 12.29 22.26 -14.59
N SER A 56 12.29 23.18 -13.64
CA SER A 56 12.03 24.58 -14.03
C SER A 56 13.31 25.29 -14.52
N ASP A 57 13.12 26.10 -15.54
CA ASP A 57 14.24 26.91 -16.03
C ASP A 57 14.75 27.85 -14.94
N ARG A 58 13.84 28.43 -14.18
CA ARG A 58 14.12 29.30 -13.05
C ARG A 58 13.75 28.60 -11.77
N PRO A 59 14.67 28.39 -10.85
CA PRO A 59 14.28 27.79 -9.57
C PRO A 59 13.34 28.68 -8.75
N GLY A 60 12.52 28.00 -7.94
CA GLY A 60 11.63 28.68 -7.03
C GLY A 60 10.25 28.06 -7.03
N VAL A 61 9.66 27.90 -8.19
CA VAL A 61 8.38 27.23 -8.43
C VAL A 61 8.52 26.22 -9.57
N PHE A 62 8.33 24.93 -9.26
CA PHE A 62 8.33 23.90 -10.27
C PHE A 62 7.13 24.11 -11.16
N SER A 63 5.92 24.06 -10.61
CA SER A 63 4.74 24.56 -11.27
C SER A 63 3.71 24.95 -10.21
N ALA A 64 3.10 26.12 -10.32
CA ALA A 64 1.98 26.57 -9.51
C ALA A 64 0.69 25.77 -9.75
N GLY A 65 0.61 25.00 -10.84
CA GLY A 65 -0.55 24.15 -11.05
C GLY A 65 -1.54 24.76 -12.04
N LEU A 66 -2.80 24.35 -11.94
CA LEU A 66 -3.85 24.70 -12.90
C LEU A 66 -3.95 26.22 -13.03
N ASP A 67 -4.17 26.72 -14.24
CA ASP A 67 -4.16 28.16 -14.46
C ASP A 67 -5.56 28.76 -14.40
N LEU A 68 -5.72 29.81 -13.60
CA LEU A 68 -7.04 30.42 -13.40
C LEU A 68 -7.51 31.06 -14.68
N THR A 69 -6.68 31.73 -15.47
CA THR A 69 -7.17 32.35 -16.71
C THR A 69 -7.94 31.41 -17.63
N GLU A 70 -7.52 30.15 -17.61
CA GLU A 70 -8.06 29.11 -18.48
C GLU A 70 -9.42 28.65 -17.97
N MET A 71 -9.66 28.93 -16.69
CA MET A 71 -10.87 28.42 -16.09
C MET A 71 -11.86 29.51 -15.66
N CYS A 72 -11.64 30.79 -15.94
CA CYS A 72 -12.46 31.90 -15.46
C CYS A 72 -13.23 32.52 -16.62
N GLY A 73 -14.55 32.43 -16.69
CA GLY A 73 -15.38 33.17 -17.65
C GLY A 73 -15.04 32.70 -19.05
N ARG A 74 -14.76 31.39 -19.30
N ARG A 74 -14.66 31.49 -19.03
CA ARG A 74 -14.44 30.88 -20.64
CA ARG A 74 -14.20 30.37 -19.75
C ARG A 74 -15.58 30.07 -21.28
C ARG A 74 -15.35 29.37 -19.54
N SER A 75 -15.42 29.70 -22.55
N SER A 75 -16.57 29.82 -19.79
CA SER A 75 -16.45 28.86 -23.16
CA SER A 75 -17.83 29.12 -19.89
C SER A 75 -16.53 27.44 -22.67
C SER A 75 -17.79 27.63 -20.15
N PRO A 76 -17.74 26.90 -22.73
N PRO A 76 -18.85 26.92 -20.47
CA PRO A 76 -17.95 25.48 -22.46
CA PRO A 76 -18.87 25.57 -21.05
C PRO A 76 -16.95 24.65 -23.26
C PRO A 76 -17.67 25.07 -21.82
N ALA A 77 -16.75 25.08 -24.51
N ALA A 77 -17.42 25.39 -23.09
CA ALA A 77 -15.81 24.48 -25.42
CA ALA A 77 -16.44 24.75 -23.92
C ALA A 77 -14.37 24.52 -24.88
C ALA A 77 -15.08 24.92 -23.25
N HIS A 78 -14.03 25.67 -24.32
N HIS A 78 -14.84 26.13 -22.76
CA HIS A 78 -12.68 25.92 -23.83
CA HIS A 78 -13.45 26.32 -22.26
C HIS A 78 -12.45 25.10 -22.56
C HIS A 78 -13.18 25.50 -21.01
N TYR A 79 -13.44 25.06 -21.70
N TYR A 79 -14.11 25.32 -20.10
CA TYR A 79 -13.27 24.24 -20.50
CA TYR A 79 -13.85 24.39 -18.99
C TYR A 79 -13.00 22.78 -20.85
C TYR A 79 -13.55 22.97 -19.47
N ALA A 80 -13.73 22.21 -21.81
N ALA A 80 -14.35 22.49 -20.42
CA ALA A 80 -13.59 20.82 -22.24
CA ALA A 80 -14.17 21.18 -20.99
C ALA A 80 -12.24 20.60 -22.85
C ALA A 80 -12.82 21.01 -21.69
N GLY A 81 -11.77 21.52 -23.70
N GLY A 81 -12.50 21.99 -22.51
CA GLY A 81 -10.47 21.44 -24.30
CA GLY A 81 -11.24 21.97 -23.23
C GLY A 81 -9.36 21.47 -23.25
C GLY A 81 -10.05 22.11 -22.32
N TYR A 82 -9.56 22.36 -22.27
N TYR A 82 -10.18 22.85 -21.21
CA TYR A 82 -8.57 22.48 -21.22
CA TYR A 82 -9.05 23.01 -20.31
C TYR A 82 -8.57 21.25 -20.28
C TYR A 82 -8.69 21.67 -19.70
N TRP A 83 -9.71 20.83 -19.65
CA TRP A 83 -9.60 19.64 -18.77
C TRP A 83 -9.13 18.56 -19.67
N LYS A 84 -9.40 18.33 -20.94
CA LYS A 84 -8.90 17.34 -21.82
C LYS A 84 -7.37 17.49 -21.90
N ALA A 85 -6.86 18.73 -21.94
CA ALA A 85 -5.42 18.93 -22.01
C ALA A 85 -4.72 18.61 -20.68
N VAL A 86 -5.35 18.86 -19.55
CA VAL A 86 -4.86 18.46 -18.23
C VAL A 86 -4.74 16.94 -18.18
N GLN A 87 -5.84 16.27 -18.53
CA GLN A 87 -5.81 14.82 -18.62
C GLN A 87 -4.75 14.31 -19.56
N GLU A 88 -4.61 14.95 -20.73
CA GLU A 88 -3.62 14.49 -21.70
C GLU A 88 -2.23 14.51 -21.12
N LEU A 89 -1.90 15.60 -20.42
CA LEU A 89 -0.55 15.70 -19.87
C LEU A 89 -0.30 14.55 -18.89
N TRP A 90 -1.28 14.31 -18.01
CA TRP A 90 -1.15 13.21 -17.04
C TRP A 90 -0.97 11.89 -17.76
N LEU A 91 -1.85 11.65 -18.74
CA LEU A 91 -1.81 10.36 -19.41
C LEU A 91 -0.48 10.10 -20.15
N ARG A 92 -0.06 11.13 -20.87
CA ARG A 92 1.14 10.98 -21.68
C ARG A 92 2.39 10.87 -20.79
N LEU A 93 2.45 11.63 -19.71
CA LEU A 93 3.55 11.45 -18.78
C LEU A 93 3.53 10.07 -18.13
N TYR A 94 2.38 9.68 -17.62
CA TYR A 94 2.30 8.51 -16.77
C TYR A 94 2.59 7.24 -17.57
N GLN A 95 2.23 7.28 -18.87
CA GLN A 95 2.46 6.11 -19.73
C GLN A 95 3.63 6.22 -20.67
N SER A 96 4.44 7.27 -20.50
CA SER A 96 5.54 7.46 -21.42
C SER A 96 6.50 6.29 -21.39
N ASN A 97 7.04 5.95 -22.56
CA ASN A 97 8.03 4.88 -22.62
C ASN A 97 9.41 5.41 -22.26
N LEU A 98 9.56 6.72 -22.16
CA LEU A 98 10.82 7.30 -21.73
C LEU A 98 11.01 7.09 -20.24
N VAL A 99 12.27 7.12 -19.80
CA VAL A 99 12.56 7.32 -18.41
C VAL A 99 12.32 8.82 -18.12
N LEU A 100 11.51 9.12 -17.12
CA LEU A 100 11.22 10.49 -16.74
C LEU A 100 11.65 10.75 -15.30
N VAL A 101 12.48 11.76 -15.10
CA VAL A 101 12.99 12.12 -13.80
C VAL A 101 12.62 13.57 -13.54
N SER A 102 11.97 13.85 -12.43
CA SER A 102 11.72 15.20 -12.04
C SER A 102 12.83 15.75 -11.11
N ALA A 103 13.46 16.83 -11.53
CA ALA A 103 14.42 17.62 -10.78
C ALA A 103 13.64 18.78 -10.20
N ILE A 104 13.12 18.58 -8.98
CA ILE A 104 12.12 19.50 -8.43
C ILE A 104 12.86 20.64 -7.71
N ASN A 105 12.99 21.73 -8.50
CA ASN A 105 13.77 22.89 -8.08
C ASN A 105 12.87 24.07 -7.75
N GLY A 106 11.71 23.77 -7.14
CA GLY A 106 10.80 24.79 -6.69
C GLY A 106 9.63 24.18 -5.96
N ALA A 107 8.79 25.04 -5.44
CA ALA A 107 7.52 24.63 -4.88
C ALA A 107 6.70 23.84 -5.89
N CYS A 108 5.98 22.84 -5.34
CA CYS A 108 5.28 21.87 -6.17
C CYS A 108 3.92 21.50 -5.60
N PRO A 109 3.00 22.45 -5.67
CA PRO A 109 1.61 22.18 -5.25
C PRO A 109 0.89 21.30 -6.24
N ALA A 110 -0.41 21.15 -6.10
CA ALA A 110 -1.13 20.02 -6.73
C ALA A 110 -0.85 19.81 -8.20
N GLY A 111 -0.99 20.81 -9.06
CA GLY A 111 -0.74 20.62 -10.48
C GLY A 111 0.72 20.38 -10.77
N GLY A 112 1.62 20.91 -9.97
CA GLY A 112 3.03 20.53 -10.10
C GLY A 112 3.15 19.04 -9.80
N CYS A 113 2.37 18.52 -8.87
CA CYS A 113 2.42 17.07 -8.64
C CYS A 113 1.82 16.23 -9.74
N LEU A 114 0.93 16.78 -10.53
CA LEU A 114 0.52 16.01 -11.71
C LEU A 114 1.76 15.62 -12.53
N VAL A 115 2.72 16.54 -12.59
CA VAL A 115 3.94 16.21 -13.31
C VAL A 115 4.89 15.35 -12.50
N ALA A 116 5.19 15.78 -11.28
CA ALA A 116 6.22 15.07 -10.50
C ALA A 116 5.79 13.64 -10.26
N LEU A 117 4.55 13.41 -9.84
CA LEU A 117 4.10 12.07 -9.47
C LEU A 117 4.03 11.12 -10.65
N THR A 118 3.94 11.64 -11.87
CA THR A 118 3.87 10.75 -13.00
C THR A 118 5.25 10.37 -13.51
N CYS A 119 6.30 11.01 -12.99
CA CYS A 119 7.65 10.60 -13.37
C CYS A 119 8.06 9.30 -12.65
N ASP A 120 9.19 8.77 -13.07
CA ASP A 120 9.73 7.54 -12.53
C ASP A 120 10.53 7.75 -11.27
N TYR A 121 11.00 8.97 -11.08
CA TYR A 121 11.90 9.27 -9.96
C TYR A 121 11.80 10.75 -9.68
N ARG A 122 11.80 11.11 -8.43
CA ARG A 122 11.64 12.48 -7.97
C ARG A 122 12.74 12.87 -7.01
N ILE A 123 13.47 13.95 -7.33
CA ILE A 123 14.50 14.53 -6.51
C ILE A 123 14.10 15.94 -6.16
N LEU A 124 14.12 16.26 -4.86
CA LEU A 124 13.74 17.59 -4.38
C LEU A 124 14.91 18.36 -3.82
N ALA A 125 15.03 19.62 -4.28
CA ALA A 125 16.00 20.52 -3.68
C ALA A 125 15.64 20.82 -2.24
N ASP A 126 16.66 20.84 -1.38
CA ASP A 126 16.44 21.03 0.06
C ASP A 126 16.38 22.51 0.44
N ASN A 127 15.27 23.11 0.03
CA ASN A 127 14.89 24.49 0.31
C ASN A 127 13.57 24.47 1.07
N PRO A 128 13.52 25.04 2.26
CA PRO A 128 12.29 24.97 3.05
C PRO A 128 11.06 25.56 2.36
N ARG A 129 11.23 26.41 1.34
CA ARG A 129 10.11 26.88 0.55
C ARG A 129 9.59 25.92 -0.51
N TYR A 130 10.32 24.86 -0.78
CA TYR A 130 9.97 23.95 -1.86
C TYR A 130 9.17 22.77 -1.32
N CYS A 131 7.91 23.17 -1.00
CA CYS A 131 7.00 22.16 -0.49
C CYS A 131 6.17 21.53 -1.61
N ILE A 132 5.81 20.28 -1.39
CA ILE A 132 5.21 19.46 -2.43
C ILE A 132 4.01 18.71 -1.89
N GLY A 133 2.90 18.74 -2.66
CA GLY A 133 1.77 17.92 -2.33
C GLY A 133 0.52 18.30 -3.08
N LEU A 134 -0.53 17.57 -2.78
CA LEU A 134 -1.84 17.72 -3.39
C LEU A 134 -2.70 18.53 -2.43
N ASN A 135 -2.64 19.85 -2.59
CA ASN A 135 -3.25 20.76 -1.61
C ASN A 135 -4.63 21.27 -2.04
N GLU A 136 -5.33 20.54 -2.87
CA GLU A 136 -6.67 20.93 -3.38
C GLU A 136 -7.62 21.33 -2.29
N THR A 137 -7.65 20.58 -1.19
CA THR A 137 -8.67 20.89 -0.19
C THR A 137 -8.46 22.26 0.44
N GLN A 138 -7.22 22.77 0.46
CA GLN A 138 -6.97 24.13 0.98
C GLN A 138 -7.74 25.18 0.22
N LEU A 139 -8.01 24.86 -1.02
CA LEU A 139 -8.69 25.81 -1.91
C LEU A 139 -10.17 25.50 -2.01
N GLY A 140 -10.63 24.46 -1.29
CA GLY A 140 -12.05 24.15 -1.35
C GLY A 140 -12.44 23.22 -2.47
N ILE A 141 -11.46 22.55 -3.08
CA ILE A 141 -11.73 21.60 -4.18
C ILE A 141 -11.07 20.28 -3.83
N ILE A 142 -11.18 19.31 -4.71
CA ILE A 142 -10.63 18.00 -4.43
C ILE A 142 -9.81 17.55 -5.63
N ALA A 143 -8.89 16.63 -5.37
CA ALA A 143 -8.03 16.05 -6.42
C ALA A 143 -8.88 15.19 -7.30
N PRO A 144 -8.63 15.20 -8.60
CA PRO A 144 -9.25 14.25 -9.51
C PRO A 144 -8.93 12.82 -9.09
N PHE A 145 -9.81 11.88 -9.35
CA PHE A 145 -9.60 10.51 -8.85
C PHE A 145 -8.28 9.93 -9.33
N TRP A 146 -7.92 10.25 -10.54
CA TRP A 146 -6.73 9.69 -11.16
C TRP A 146 -5.46 10.25 -10.54
N LEU A 147 -5.52 11.48 -10.08
CA LEU A 147 -4.40 12.08 -9.36
C LEU A 147 -4.32 11.52 -7.94
N LYS A 148 -5.46 11.36 -7.29
CA LYS A 148 -5.48 10.63 -6.03
C LYS A 148 -4.87 9.26 -6.20
N ASP A 149 -5.28 8.54 -7.25
CA ASP A 149 -4.72 7.20 -7.47
C ASP A 149 -3.21 7.23 -7.62
N THR A 150 -2.73 8.23 -8.34
CA THR A 150 -1.30 8.38 -8.56
C THR A 150 -0.61 8.61 -7.23
N LEU A 151 -1.18 9.46 -6.37
CA LEU A 151 -0.57 9.69 -5.07
C LEU A 151 -0.62 8.41 -4.21
N GLU A 152 -1.74 7.68 -4.21
CA GLU A 152 -1.82 6.45 -3.48
C GLU A 152 -0.75 5.45 -3.96
N ASN A 153 -0.51 5.42 -5.26
CA ASN A 153 0.51 4.58 -5.86
C ASN A 153 1.92 5.01 -5.41
N THR A 154 2.10 6.24 -4.99
CA THR A 154 3.38 6.77 -4.56
C THR A 154 3.65 6.61 -3.07
N ILE A 155 2.64 6.88 -2.22
CA ILE A 155 2.85 6.92 -0.80
C ILE A 155 1.95 5.97 0.02
N GLY A 156 1.12 5.20 -0.64
CA GLY A 156 0.26 4.25 0.08
C GLY A 156 -1.03 4.88 0.50
N HIS A 157 -1.99 4.01 0.88
CA HIS A 157 -3.32 4.50 1.18
C HIS A 157 -3.39 5.43 2.38
N ARG A 158 -2.82 5.04 3.50
CA ARG A 158 -2.99 5.81 4.71
C ARG A 158 -2.45 7.22 4.53
N ALA A 159 -1.21 7.28 4.06
CA ALA A 159 -0.57 8.57 3.90
C ALA A 159 -1.31 9.42 2.87
N ALA A 160 -1.80 8.83 1.81
CA ALA A 160 -2.61 9.59 0.85
C ALA A 160 -3.90 10.08 1.48
N GLU A 161 -4.56 9.31 2.32
CA GLU A 161 -5.76 9.77 2.97
C GLU A 161 -5.51 11.06 3.75
N ARG A 162 -4.44 11.05 4.52
CA ARG A 162 -4.07 12.20 5.33
C ARG A 162 -3.64 13.37 4.48
N ALA A 163 -2.73 13.09 3.52
CA ALA A 163 -2.17 14.15 2.69
C ALA A 163 -3.27 14.86 1.91
N LEU A 164 -4.21 14.11 1.36
CA LEU A 164 -5.29 14.69 0.56
C LEU A 164 -6.28 15.42 1.43
N GLN A 165 -6.73 14.84 2.52
CA GLN A 165 -7.70 15.55 3.34
C GLN A 165 -7.17 16.86 3.91
N LEU A 166 -5.93 16.83 4.44
CA LEU A 166 -5.27 18.01 4.98
C LEU A 166 -4.71 18.93 3.88
N GLY A 167 -4.75 18.48 2.62
CA GLY A 167 -4.17 19.29 1.57
C GLY A 167 -2.74 19.68 1.87
N LEU A 168 -1.96 18.72 2.35
CA LEU A 168 -0.62 19.03 2.78
C LEU A 168 0.36 19.35 1.68
N LEU A 169 1.15 20.37 1.95
CA LEU A 169 2.36 20.64 1.19
C LEU A 169 3.54 20.28 2.09
N PHE A 170 4.13 19.15 1.77
CA PHE A 170 5.25 18.65 2.56
C PHE A 170 6.55 19.42 2.32
N PRO A 171 7.15 19.95 3.39
CA PRO A 171 8.49 20.47 3.26
C PRO A 171 9.43 19.31 2.98
N PRO A 172 10.64 19.59 2.50
CA PRO A 172 11.50 18.51 2.03
C PRO A 172 11.75 17.35 2.98
N ALA A 173 12.09 17.55 4.25
CA ALA A 173 12.31 16.35 5.08
C ALA A 173 11.04 15.53 5.20
N GLU A 174 9.91 16.19 5.33
CA GLU A 174 8.67 15.43 5.50
C GLU A 174 8.30 14.74 4.21
N ALA A 175 8.60 15.38 3.09
CA ALA A 175 8.27 14.82 1.78
C ALA A 175 9.06 13.55 1.57
N LEU A 176 10.31 13.56 1.97
CA LEU A 176 11.16 12.36 1.90
C LEU A 176 10.63 11.26 2.81
N GLN A 177 10.28 11.66 4.04
CA GLN A 177 9.80 10.66 4.99
C GLN A 177 8.52 10.01 4.52
N VAL A 178 7.59 10.77 3.97
CA VAL A 178 6.31 10.17 3.54
C VAL A 178 6.48 9.40 2.24
N GLY A 179 7.56 9.70 1.50
CA GLY A 179 7.84 8.96 0.30
C GLY A 179 7.34 9.61 -0.98
N ILE A 180 6.90 10.86 -0.92
CA ILE A 180 6.38 11.57 -2.11
C ILE A 180 7.51 11.99 -3.02
N VAL A 181 8.71 12.12 -2.49
CA VAL A 181 9.90 12.25 -3.28
C VAL A 181 10.88 11.13 -2.87
N ASP A 182 11.84 10.88 -3.75
CA ASP A 182 12.80 9.77 -3.55
C ASP A 182 14.12 10.18 -2.92
N GLN A 183 14.53 11.41 -3.16
CA GLN A 183 15.73 11.96 -2.60
C GLN A 183 15.49 13.47 -2.37
N VAL A 184 16.13 13.92 -1.30
CA VAL A 184 16.28 15.34 -1.01
C VAL A 184 17.78 15.66 -0.98
N VAL A 185 18.19 16.64 -1.75
CA VAL A 185 19.60 17.00 -1.87
C VAL A 185 19.74 18.51 -1.83
N PRO A 186 20.94 18.95 -1.47
CA PRO A 186 21.16 20.41 -1.46
C PRO A 186 20.78 20.98 -2.81
N GLU A 187 20.25 22.19 -2.81
CA GLU A 187 19.69 22.79 -4.01
C GLU A 187 20.67 22.79 -5.17
N GLU A 188 21.94 23.08 -4.93
CA GLU A 188 23.00 23.07 -5.90
C GLU A 188 23.34 21.69 -6.42
N GLN A 189 22.78 20.65 -5.81
CA GLN A 189 23.05 19.32 -6.33
C GLN A 189 21.86 18.67 -7.01
N VAL A 190 20.76 19.38 -7.22
CA VAL A 190 19.59 18.70 -7.79
C VAL A 190 19.83 18.24 -9.19
N GLN A 191 20.51 19.02 -10.03
CA GLN A 191 20.66 18.60 -11.43
C GLN A 191 21.68 17.49 -11.53
N SER A 192 22.74 17.51 -10.73
CA SER A 192 23.70 16.41 -10.80
C SER A 192 23.07 15.12 -10.31
N THR A 193 22.24 15.17 -9.29
CA THR A 193 21.56 13.99 -8.77
C THR A 193 20.62 13.43 -9.82
N ALA A 194 19.93 14.31 -10.56
CA ALA A 194 19.04 13.87 -11.61
C ALA A 194 19.82 13.21 -12.74
N LEU A 195 21.01 13.68 -13.04
CA LEU A 195 21.88 13.04 -14.02
C LEU A 195 22.33 11.65 -13.58
N SER A 196 22.73 11.54 -12.30
CA SER A 196 23.10 10.24 -11.78
C SER A 196 21.93 9.26 -11.81
N ALA A 197 20.76 9.76 -11.43
CA ALA A 197 19.57 8.91 -11.46
C ALA A 197 19.27 8.46 -12.86
N ILE A 198 19.23 9.40 -13.80
CA ILE A 198 18.83 8.94 -15.13
C ILE A 198 19.86 8.04 -15.77
N ALA A 199 21.15 8.19 -15.45
CA ALA A 199 22.14 7.27 -15.96
C ALA A 199 21.76 5.84 -15.58
N GLN A 200 21.33 5.68 -14.31
CA GLN A 200 21.02 4.36 -13.79
C GLN A 200 19.79 3.77 -14.46
N TRP A 201 18.77 4.59 -14.60
CA TRP A 201 17.52 4.11 -15.17
C TRP A 201 17.65 3.82 -16.64
N MET A 202 18.46 4.63 -17.37
CA MET A 202 18.63 4.43 -18.80
C MET A 202 19.45 3.21 -19.14
N ALA A 203 20.22 2.73 -18.14
CA ALA A 203 21.08 1.56 -18.37
C ALA A 203 20.30 0.26 -18.43
N ILE A 204 19.07 0.24 -17.91
CA ILE A 204 18.26 -0.97 -17.94
C ILE A 204 17.90 -1.29 -19.38
N PRO A 205 17.95 -2.55 -19.80
CA PRO A 205 17.42 -2.92 -21.13
C PRO A 205 16.05 -2.34 -21.36
N ASP A 206 15.98 -1.61 -22.48
CA ASP A 206 14.88 -0.66 -22.65
C ASP A 206 13.50 -1.30 -22.77
N HIS A 207 13.38 -2.29 -23.64
CA HIS A 207 12.07 -2.90 -23.76
C HIS A 207 11.61 -3.51 -22.46
N ALA A 208 12.47 -4.22 -21.75
CA ALA A 208 12.03 -4.84 -20.48
C ALA A 208 11.62 -3.79 -19.46
N ARG A 209 12.38 -2.70 -19.38
CA ARG A 209 11.97 -1.60 -18.50
C ARG A 209 10.59 -1.07 -18.89
N GLN A 210 10.40 -0.82 -20.20
CA GLN A 210 9.11 -0.27 -20.65
C GLN A 210 7.97 -1.20 -20.32
N LEU A 211 8.15 -2.51 -20.56
CA LEU A 211 7.08 -3.47 -20.30
C LEU A 211 6.74 -3.51 -18.82
N THR A 212 7.80 -3.39 -18.00
CA THR A 212 7.59 -3.44 -16.57
C THR A 212 6.83 -2.22 -16.08
N LYS A 213 7.22 -1.04 -16.56
CA LYS A 213 6.55 0.20 -16.24
C LYS A 213 5.07 0.12 -16.61
N ALA A 214 4.80 -0.37 -17.81
CA ALA A 214 3.42 -0.46 -18.29
C ALA A 214 2.64 -1.41 -17.45
N MET A 215 3.18 -2.53 -17.06
CA MET A 215 2.44 -3.46 -16.20
C MET A 215 2.06 -2.86 -14.88
N MET A 216 2.88 -1.99 -14.28
CA MET A 216 2.70 -1.33 -13.04
C MET A 216 1.63 -0.21 -13.11
N ARG A 217 1.50 0.40 -14.27
CA ARG A 217 0.69 1.61 -14.38
C ARG A 217 -0.58 1.41 -15.19
N LYS A 218 -0.73 0.33 -15.91
CA LYS A 218 -1.88 0.22 -16.82
C LYS A 218 -3.20 0.25 -16.09
N ALA A 219 -3.33 -0.37 -14.94
CA ALA A 219 -4.68 -0.36 -14.31
C ALA A 219 -5.04 1.07 -13.94
N THR A 220 -4.08 1.86 -13.47
CA THR A 220 -4.39 3.24 -13.04
C THR A 220 -4.73 4.10 -14.22
N ALA A 221 -3.95 3.98 -15.32
CA ALA A 221 -4.20 4.77 -16.52
C ALA A 221 -5.55 4.37 -17.12
N SER A 222 -5.88 3.08 -17.10
CA SER A 222 -7.08 2.60 -17.74
C SER A 222 -8.32 3.21 -17.11
N ARG A 223 -8.25 3.44 -15.80
CA ARG A 223 -9.38 3.95 -15.04
C ARG A 223 -9.75 5.34 -15.63
N LEU A 224 -8.75 6.14 -16.01
CA LEU A 224 -9.06 7.40 -16.67
C LEU A 224 -9.37 7.13 -18.13
N VAL A 225 -8.65 6.35 -18.89
CA VAL A 225 -8.98 6.21 -20.33
C VAL A 225 -10.43 5.79 -20.50
N THR A 226 -10.93 4.85 -19.68
CA THR A 226 -12.29 4.37 -19.92
C THR A 226 -13.40 5.29 -19.46
N GLN A 227 -13.13 6.31 -18.68
CA GLN A 227 -14.08 7.28 -18.15
C GLN A 227 -13.75 8.70 -18.53
N ARG A 228 -12.97 8.87 -19.61
CA ARG A 228 -12.39 10.18 -19.82
C ARG A 228 -13.40 11.26 -20.14
N ASP A 229 -14.40 10.89 -20.94
CA ASP A 229 -15.36 11.91 -21.31
C ASP A 229 -16.20 12.28 -20.10
N ALA A 230 -16.53 11.23 -19.34
CA ALA A 230 -17.32 11.47 -18.14
C ALA A 230 -16.55 12.38 -17.19
N ASP A 231 -15.23 12.17 -17.16
CA ASP A 231 -14.41 13.02 -16.27
C ASP A 231 -14.36 14.44 -16.79
N VAL A 232 -14.29 14.63 -18.10
CA VAL A 232 -14.37 16.02 -18.57
C VAL A 232 -15.71 16.64 -18.18
N GLN A 233 -16.81 15.90 -18.36
CA GLN A 233 -18.13 16.49 -18.09
C GLN A 233 -18.25 16.87 -16.62
N ASN A 234 -17.62 16.02 -15.79
CA ASN A 234 -17.64 16.26 -14.35
C ASN A 234 -16.94 17.58 -14.05
N PHE A 235 -15.79 17.80 -14.70
CA PHE A 235 -15.07 19.05 -14.48
C PHE A 235 -15.91 20.23 -14.98
N VAL A 236 -16.42 20.05 -16.18
CA VAL A 236 -17.13 21.14 -16.85
C VAL A 236 -18.35 21.57 -16.07
N SER A 237 -19.08 20.54 -15.62
CA SER A 237 -20.29 20.87 -14.89
C SER A 237 -19.94 21.67 -13.65
N PHE A 238 -18.77 21.35 -13.11
CA PHE A 238 -18.44 21.88 -11.79
C PHE A 238 -18.04 23.34 -11.85
N ILE A 239 -17.03 23.48 -12.69
CA ILE A 239 -16.50 24.84 -12.95
C ILE A 239 -17.42 25.68 -13.82
N SER A 240 -18.41 25.15 -14.56
CA SER A 240 -19.29 25.96 -15.39
C SER A 240 -20.30 26.54 -14.42
N LYS A 241 -20.32 26.12 -13.19
CA LYS A 241 -21.31 26.71 -12.29
C LYS A 241 -21.19 28.20 -12.12
N ASP A 242 -22.30 28.95 -12.10
CA ASP A 242 -22.18 30.36 -11.76
C ASP A 242 -21.56 30.56 -10.39
N SER A 243 -21.96 29.70 -9.44
CA SER A 243 -21.37 29.85 -8.10
C SER A 243 -19.90 29.47 -7.98
N ILE A 244 -19.46 28.54 -8.83
CA ILE A 244 -18.02 28.21 -8.70
C ILE A 244 -17.23 29.27 -9.44
N GLN A 245 -17.78 29.64 -10.59
CA GLN A 245 -17.23 30.76 -11.36
C GLN A 245 -17.04 31.95 -10.43
N LYS A 246 -18.10 32.28 -9.68
CA LYS A 246 -18.02 33.32 -8.65
C LYS A 246 -16.89 33.01 -7.71
N SER A 247 -16.74 31.74 -7.27
CA SER A 247 -15.71 31.61 -6.23
C SER A 247 -14.30 31.65 -6.79
N LEU A 248 -14.14 31.38 -8.09
CA LEU A 248 -12.86 31.60 -8.72
C LEU A 248 -12.44 33.06 -8.50
N GLN A 249 -13.43 33.94 -8.50
CA GLN A 249 -13.26 35.38 -8.29
C GLN A 249 -12.57 35.66 -6.98
N MET A 250 -12.57 34.74 -6.03
CA MET A 250 -11.34 34.59 -5.27
C MET A 250 -10.94 33.12 -5.21
N GLN B 3 -25.12 8.15 30.93
CA GLN B 3 -24.80 7.57 29.63
C GLN B 3 -23.51 6.77 29.79
N ARG B 4 -23.36 5.71 29.04
CA ARG B 4 -22.11 5.05 28.80
C ARG B 4 -21.30 5.84 27.76
N VAL B 5 -21.85 6.87 27.14
CA VAL B 5 -21.07 7.74 26.26
C VAL B 5 -21.19 9.17 26.76
N LEU B 6 -20.14 9.75 27.30
CA LEU B 6 -20.17 11.08 27.84
C LEU B 6 -19.71 12.04 26.74
N VAL B 7 -20.50 12.98 26.34
CA VAL B 7 -20.09 13.94 25.32
C VAL B 7 -19.84 15.27 25.98
N GLU B 8 -18.62 15.75 25.82
CA GLU B 8 -18.21 17.05 26.35
C GLU B 8 -18.06 18.02 25.19
N PRO B 9 -18.98 18.95 25.00
CA PRO B 9 -18.96 19.80 23.82
C PRO B 9 -18.22 21.11 24.02
N ASP B 10 -17.62 21.55 22.92
CA ASP B 10 -17.08 22.92 22.83
C ASP B 10 -17.55 23.49 21.51
N ALA B 11 -18.83 23.92 21.46
CA ALA B 11 -19.42 24.41 20.24
C ALA B 11 -18.66 25.57 19.61
N GLY B 12 -18.13 26.46 20.47
CA GLY B 12 -17.37 27.61 19.92
C GLY B 12 -16.14 27.17 19.17
N ALA B 13 -15.51 26.07 19.57
CA ALA B 13 -14.37 25.54 18.85
C ALA B 13 -14.78 24.50 17.80
N GLY B 14 -16.04 24.08 17.83
CA GLY B 14 -16.55 23.12 16.87
C GLY B 14 -16.16 21.67 17.14
N VAL B 15 -15.68 21.41 18.34
CA VAL B 15 -15.22 20.11 18.72
C VAL B 15 -15.98 19.58 19.92
N ALA B 16 -16.22 18.29 19.88
CA ALA B 16 -16.73 17.60 21.05
C ALA B 16 -15.79 16.44 21.38
N VAL B 17 -15.72 16.10 22.64
CA VAL B 17 -14.98 14.93 23.06
C VAL B 17 -16.01 13.90 23.50
N MET B 18 -15.91 12.73 22.93
CA MET B 18 -16.77 11.61 23.26
C MET B 18 -16.01 10.68 24.16
N LYS B 19 -16.38 10.51 25.38
CA LYS B 19 -15.64 9.74 26.37
C LYS B 19 -16.40 8.47 26.69
N PHE B 20 -15.71 7.38 26.45
CA PHE B 20 -16.32 6.08 26.72
C PHE B 20 -16.42 5.84 28.24
N LYS B 21 -17.60 5.46 28.67
CA LYS B 21 -17.82 5.19 30.08
C LYS B 21 -18.73 3.97 30.27
N ASN B 22 -18.25 2.85 29.76
CA ASN B 22 -18.91 1.57 29.93
C ASN B 22 -17.98 0.62 30.66
N PRO B 23 -17.88 0.85 31.96
CA PRO B 23 -16.95 0.03 32.76
C PRO B 23 -17.37 -1.44 32.77
N PRO B 24 -16.41 -2.31 33.02
CA PRO B 24 -15.04 -1.91 33.39
C PRO B 24 -14.04 -1.69 32.28
N VAL B 25 -14.33 -2.08 31.04
CA VAL B 25 -13.29 -2.01 30.00
C VAL B 25 -13.84 -1.51 28.68
N ASN B 26 -14.92 -0.75 28.73
CA ASN B 26 -15.57 -0.19 27.58
C ASN B 26 -15.83 -1.20 26.48
N SER B 27 -16.31 -2.37 26.92
CA SER B 27 -16.71 -3.43 26.02
C SER B 27 -17.83 -2.97 25.11
N LEU B 28 -17.79 -3.39 23.83
CA LEU B 28 -18.79 -2.99 22.84
C LEU B 28 -20.02 -3.88 22.91
N SER B 29 -20.77 -3.75 23.99
CA SER B 29 -22.05 -4.43 24.10
C SER B 29 -23.00 -3.88 23.07
N LEU B 30 -24.13 -4.59 22.86
CA LEU B 30 -25.07 -4.06 21.89
C LEU B 30 -25.56 -2.67 22.32
N GLU B 31 -25.77 -2.56 23.63
CA GLU B 31 -26.20 -1.30 24.21
C GLU B 31 -25.22 -0.16 23.88
N PHE B 32 -23.96 -0.47 24.19
CA PHE B 32 -22.94 0.57 23.99
C PHE B 32 -22.73 0.91 22.53
N LEU B 33 -22.73 -0.10 21.65
CA LEU B 33 -22.65 0.11 20.21
C LEU B 33 -23.68 1.12 19.75
N THR B 34 -24.95 0.90 20.18
CA THR B 34 -26.01 1.78 19.69
C THR B 34 -25.94 3.17 20.27
N GLU B 35 -25.43 3.28 21.48
CA GLU B 35 -25.20 4.61 22.03
C GLU B 35 -24.11 5.38 21.32
N LEU B 36 -23.07 4.67 20.91
CA LEU B 36 -22.03 5.31 20.13
C LEU B 36 -22.59 5.74 18.78
N VAL B 37 -23.37 4.94 18.09
CA VAL B 37 -23.93 5.32 16.79
C VAL B 37 -24.82 6.53 16.91
N ILE B 38 -25.72 6.52 17.91
CA ILE B 38 -26.59 7.66 18.08
C ILE B 38 -25.84 8.93 18.49
N SER B 39 -24.87 8.83 19.37
CA SER B 39 -24.12 9.97 19.83
C SER B 39 -23.38 10.57 18.63
N LEU B 40 -22.78 9.74 17.78
CA LEU B 40 -22.09 10.23 16.60
C LEU B 40 -23.07 10.88 15.66
N GLU B 41 -24.27 10.31 15.42
CA GLU B 41 -25.24 10.95 14.53
C GLU B 41 -25.75 12.32 15.06
N LYS B 42 -25.86 12.43 16.35
CA LYS B 42 -26.34 13.70 16.93
C LYS B 42 -25.28 14.76 16.69
N LEU B 43 -24.00 14.36 16.80
CA LEU B 43 -22.92 15.33 16.60
C LEU B 43 -22.75 15.67 15.13
N GLU B 44 -22.96 14.69 14.27
CA GLU B 44 -22.99 14.94 12.84
C GLU B 44 -24.08 15.96 12.53
N ASN B 45 -25.27 15.80 13.11
CA ASN B 45 -26.43 16.60 12.72
C ASN B 45 -26.30 17.98 13.31
N ASP B 46 -25.57 18.14 14.42
CA ASP B 46 -25.43 19.43 15.07
C ASP B 46 -24.42 20.25 14.34
N LYS B 47 -24.89 21.38 13.80
CA LYS B 47 -24.06 22.11 12.85
C LYS B 47 -22.95 22.86 13.56
N SER B 48 -23.01 22.90 14.88
CA SER B 48 -21.93 23.45 15.68
C SER B 48 -20.71 22.55 15.78
N PHE B 49 -20.85 21.26 15.51
CA PHE B 49 -19.71 20.36 15.63
C PHE B 49 -19.24 19.81 14.31
N ARG B 50 -17.92 19.89 14.11
CA ARG B 50 -17.32 19.31 12.94
C ARG B 50 -16.20 18.33 13.23
N GLY B 51 -15.78 18.23 14.45
CA GLY B 51 -14.80 17.24 14.82
C GLY B 51 -15.11 16.65 16.17
N VAL B 52 -14.68 15.40 16.33
CA VAL B 52 -14.86 14.70 17.59
C VAL B 52 -13.58 13.94 17.91
N ILE B 53 -13.18 14.03 19.17
CA ILE B 53 -12.11 13.21 19.74
C ILE B 53 -12.79 12.09 20.49
N LEU B 54 -12.39 10.87 20.19
CA LEU B 54 -12.85 9.69 20.90
C LEU B 54 -11.80 9.24 21.90
N THR B 55 -12.17 8.98 23.13
CA THR B 55 -11.22 8.58 24.15
C THR B 55 -11.98 7.89 25.28
N SER B 56 -11.26 7.20 26.18
CA SER B 56 -11.92 6.62 27.33
C SER B 56 -12.00 7.65 28.44
N ASP B 57 -13.11 7.68 29.14
CA ASP B 57 -13.20 8.57 30.31
C ASP B 57 -12.17 8.21 31.35
N ARG B 58 -11.90 6.95 31.52
CA ARG B 58 -10.97 6.38 32.48
C ARG B 58 -9.77 5.85 31.71
N PRO B 59 -8.56 6.34 31.93
CA PRO B 59 -7.43 5.72 31.22
C PRO B 59 -7.18 4.29 31.65
N GLY B 60 -6.62 3.51 30.73
CA GLY B 60 -6.20 2.16 30.98
C GLY B 60 -6.64 1.21 29.91
N VAL B 61 -7.89 1.26 29.54
CA VAL B 61 -8.45 0.48 28.42
C VAL B 61 -9.26 1.45 27.55
N PHE B 62 -8.87 1.57 26.27
CA PHE B 62 -9.62 2.39 25.34
C PHE B 62 -10.95 1.65 25.08
N SER B 63 -10.84 0.43 24.55
CA SER B 63 -11.96 -0.48 24.53
C SER B 63 -11.42 -1.90 24.46
N ALA B 64 -12.01 -2.81 25.24
CA ALA B 64 -11.67 -4.22 25.18
C ALA B 64 -12.24 -4.89 23.93
N GLY B 65 -13.04 -4.15 23.15
CA GLY B 65 -13.53 -4.68 21.88
C GLY B 65 -14.89 -5.35 22.01
N LEU B 66 -15.13 -6.29 21.10
CA LEU B 66 -16.48 -6.88 21.15
C LEU B 66 -16.71 -7.59 22.45
N ASP B 67 -17.96 -7.61 22.84
CA ASP B 67 -18.36 -8.19 24.11
C ASP B 67 -18.62 -9.68 23.89
N LEU B 68 -17.71 -10.48 24.40
CA LEU B 68 -17.77 -11.92 24.18
C LEU B 68 -19.03 -12.54 24.72
N THR B 69 -19.66 -11.84 25.69
CA THR B 69 -20.86 -12.44 26.27
C THR B 69 -22.01 -12.36 25.29
N GLU B 70 -21.87 -11.51 24.27
CA GLU B 70 -22.84 -11.37 23.21
C GLU B 70 -22.65 -12.47 22.16
N MET B 71 -21.48 -13.12 22.16
N MET B 71 -21.50 -13.14 22.18
CA MET B 71 -21.08 -14.04 21.11
CA MET B 71 -21.09 -14.03 21.13
C MET B 71 -20.94 -15.48 21.59
N CYS B 72 -21.16 -15.74 22.86
CA CYS B 72 -20.95 -16.99 23.54
C CYS B 72 -22.27 -17.55 24.08
N GLY B 73 -22.73 -18.67 23.52
CA GLY B 73 -23.87 -19.39 24.03
C GLY B 73 -25.16 -18.65 23.95
N ARG B 74 -25.28 -17.82 22.92
CA ARG B 74 -26.49 -17.04 22.66
C ARG B 74 -27.23 -17.63 21.46
N SER B 75 -28.42 -17.12 21.20
CA SER B 75 -29.25 -17.63 20.14
C SER B 75 -28.69 -17.14 18.80
N PRO B 76 -29.03 -17.84 17.71
CA PRO B 76 -28.58 -17.35 16.41
C PRO B 76 -29.12 -15.96 16.08
N ALA B 77 -30.33 -15.60 16.49
CA ALA B 77 -30.79 -14.27 16.20
C ALA B 77 -30.02 -13.27 17.04
N HIS B 78 -29.66 -13.64 18.27
CA HIS B 78 -28.84 -12.69 19.02
C HIS B 78 -27.52 -12.37 18.35
N TYR B 79 -26.86 -13.40 17.85
CA TYR B 79 -25.60 -13.18 17.11
C TYR B 79 -25.82 -12.30 15.89
N ALA B 80 -26.91 -12.52 15.15
CA ALA B 80 -27.17 -11.70 13.94
C ALA B 80 -27.42 -10.28 14.29
N GLY B 81 -28.25 -10.04 15.31
CA GLY B 81 -28.59 -8.66 15.69
C GLY B 81 -27.33 -7.95 16.18
N TYR B 82 -26.53 -8.64 16.98
CA TYR B 82 -25.27 -8.08 17.46
C TYR B 82 -24.39 -7.67 16.28
N TRP B 83 -24.21 -8.60 15.34
CA TRP B 83 -23.29 -8.30 14.23
C TRP B 83 -23.83 -7.19 13.40
N LYS B 84 -25.12 -7.05 13.13
CA LYS B 84 -25.68 -5.92 12.40
C LYS B 84 -25.29 -4.64 13.11
N ALA B 85 -25.30 -4.56 14.41
CA ALA B 85 -24.92 -3.37 15.16
C ALA B 85 -23.42 -3.10 15.06
N VAL B 86 -22.60 -4.13 15.07
CA VAL B 86 -21.18 -3.96 14.86
C VAL B 86 -20.88 -3.40 13.48
N GLN B 87 -21.50 -3.98 12.44
CA GLN B 87 -21.37 -3.46 11.12
C GLN B 87 -21.82 -1.99 11.07
N GLU B 88 -22.93 -1.67 11.73
CA GLU B 88 -23.46 -0.32 11.71
C GLU B 88 -22.43 0.65 12.29
N LEU B 89 -21.78 0.26 13.39
CA LEU B 89 -20.81 1.18 14.00
C LEU B 89 -19.65 1.42 13.05
N TRP B 90 -19.12 0.36 12.44
CA TRP B 90 -18.00 0.51 11.50
C TRP B 90 -18.42 1.40 10.35
N LEU B 91 -19.58 1.11 9.74
CA LEU B 91 -20.03 1.93 8.62
C LEU B 91 -20.17 3.40 8.96
N ARG B 92 -20.79 3.65 10.13
CA ARG B 92 -21.05 5.06 10.47
C ARG B 92 -19.77 5.79 10.82
N LEU B 93 -18.86 5.11 11.53
CA LEU B 93 -17.59 5.74 11.88
C LEU B 93 -16.74 5.93 10.63
N TYR B 94 -16.61 4.88 9.83
CA TYR B 94 -15.66 4.94 8.70
C TYR B 94 -16.08 5.99 7.69
N GLN B 95 -17.38 6.19 7.55
CA GLN B 95 -17.90 7.16 6.56
C GLN B 95 -18.38 8.45 7.18
N SER B 96 -18.02 8.68 8.47
CA SER B 96 -18.49 9.89 9.10
C SER B 96 -17.98 11.12 8.36
N ASN B 97 -18.85 12.10 8.22
CA ASN B 97 -18.43 13.39 7.69
C ASN B 97 -17.65 14.22 8.71
N LEU B 98 -17.71 13.88 9.98
CA LEU B 98 -16.91 14.57 10.98
C LEU B 98 -15.44 14.25 10.81
N VAL B 99 -14.59 15.12 11.27
CA VAL B 99 -13.23 14.73 11.60
C VAL B 99 -13.27 13.89 12.88
N LEU B 100 -12.72 12.67 12.82
CA LEU B 100 -12.65 11.83 14.00
C LEU B 100 -11.18 11.60 14.36
N VAL B 101 -10.84 11.86 15.59
CA VAL B 101 -9.50 11.64 16.12
C VAL B 101 -9.62 10.73 17.35
N SER B 102 -8.82 9.66 17.36
CA SER B 102 -8.78 8.83 18.57
C SER B 102 -7.62 9.25 19.47
N ALA B 103 -7.91 9.56 20.70
CA ALA B 103 -6.93 9.80 21.79
C ALA B 103 -6.88 8.47 22.52
N ILE B 104 -5.94 7.61 22.13
CA ILE B 104 -5.95 6.23 22.62
C ILE B 104 -5.21 6.17 23.94
N ASN B 105 -5.99 6.21 24.99
CA ASN B 105 -5.49 6.32 26.35
C ASN B 105 -5.65 5.04 27.14
N GLY B 106 -5.48 3.92 26.42
CA GLY B 106 -5.53 2.61 27.01
C GLY B 106 -5.29 1.51 26.03
N ALA B 107 -5.32 0.27 26.51
CA ALA B 107 -5.21 -0.89 25.63
C ALA B 107 -6.31 -0.84 24.58
N CYS B 108 -5.99 -1.31 23.40
CA CYS B 108 -6.89 -1.27 22.26
C CYS B 108 -6.85 -2.51 21.38
N PRO B 109 -7.33 -3.65 21.87
CA PRO B 109 -7.41 -4.88 21.09
C PRO B 109 -8.55 -4.82 20.08
N ALA B 110 -8.83 -5.90 19.36
CA ALA B 110 -9.61 -5.95 18.15
C ALA B 110 -10.77 -4.99 18.06
N GLY B 111 -11.81 -5.07 18.78
CA GLY B 111 -12.96 -4.18 18.53
C GLY B 111 -12.62 -2.72 18.84
N GLY B 112 -11.70 -2.54 19.81
CA GLY B 112 -11.23 -1.20 20.06
C GLY B 112 -10.52 -0.62 18.85
N CYS B 113 -9.77 -1.55 18.28
CA CYS B 113 -8.95 -1.17 17.13
C CYS B 113 -9.87 -0.88 15.95
N LEU B 114 -11.02 -1.57 15.87
CA LEU B 114 -12.07 -1.23 14.92
C LEU B 114 -12.39 0.26 14.99
N VAL B 115 -12.62 0.75 16.19
CA VAL B 115 -12.95 2.15 16.41
C VAL B 115 -11.77 3.04 16.02
N ALA B 116 -10.58 2.74 16.50
CA ALA B 116 -9.42 3.56 16.21
C ALA B 116 -9.12 3.61 14.72
N LEU B 117 -9.19 2.47 14.02
CA LEU B 117 -8.85 2.42 12.60
C LEU B 117 -9.81 3.18 11.72
N THR B 118 -11.05 3.42 12.22
CA THR B 118 -11.98 4.16 11.42
C THR B 118 -11.81 5.67 11.56
N CYS B 119 -11.03 6.12 12.52
CA CYS B 119 -10.77 7.52 12.69
C CYS B 119 -9.82 8.03 11.61
N ASP B 120 -9.72 9.34 11.51
CA ASP B 120 -8.86 10.04 10.60
C ASP B 120 -7.45 10.17 11.14
N TYR B 121 -7.25 10.04 12.43
CA TYR B 121 -5.95 10.23 13.05
C TYR B 121 -5.96 9.52 14.37
N ARG B 122 -4.84 8.89 14.69
CA ARG B 122 -4.68 8.11 15.90
C ARG B 122 -3.46 8.51 16.70
N ILE B 123 -3.71 8.86 17.96
CA ILE B 123 -2.65 9.21 18.89
C ILE B 123 -2.64 8.23 20.03
N LEU B 124 -1.53 7.61 20.35
CA LEU B 124 -1.43 6.60 21.39
C LEU B 124 -0.56 7.08 22.55
N ALA B 125 -1.11 6.96 23.73
CA ALA B 125 -0.37 7.25 24.94
C ALA B 125 0.75 6.24 25.12
N ASP B 126 1.90 6.74 25.52
CA ASP B 126 3.12 5.93 25.64
C ASP B 126 3.18 5.18 26.97
N ASN B 127 2.37 4.15 27.11
CA ASN B 127 2.34 3.28 28.27
C ASN B 127 2.58 1.87 27.72
N PRO B 128 3.54 1.11 28.20
CA PRO B 128 3.80 -0.18 27.59
C PRO B 128 2.59 -1.14 27.67
N ARG B 129 1.61 -0.91 28.51
CA ARG B 129 0.45 -1.79 28.47
C ARG B 129 -0.62 -1.38 27.47
N TYR B 130 -0.44 -0.24 26.83
CA TYR B 130 -1.43 0.24 25.89
C TYR B 130 -1.12 -0.26 24.48
N CYS B 131 -1.43 -1.53 24.31
CA CYS B 131 -1.13 -2.21 23.05
C CYS B 131 -2.31 -2.19 22.09
N ILE B 132 -2.07 -2.07 20.81
CA ILE B 132 -3.16 -1.92 19.84
C ILE B 132 -3.01 -2.93 18.73
N GLY B 133 -4.13 -3.60 18.38
CA GLY B 133 -4.03 -4.48 17.20
C GLY B 133 -5.28 -5.33 17.06
N LEU B 134 -5.29 -6.11 15.99
CA LEU B 134 -6.39 -7.00 15.63
C LEU B 134 -5.97 -8.41 15.99
N ASN B 135 -6.34 -8.76 17.24
CA ASN B 135 -5.83 -9.99 17.83
C ASN B 135 -6.84 -11.14 17.71
N GLU B 136 -7.75 -11.04 16.76
CA GLU B 136 -8.76 -12.09 16.58
C GLU B 136 -8.17 -13.51 16.57
N THR B 137 -7.07 -13.73 15.85
CA THR B 137 -6.57 -15.09 15.74
C THR B 137 -6.16 -15.62 17.11
N GLN B 138 -5.78 -14.80 18.06
CA GLN B 138 -5.45 -15.33 19.38
C GLN B 138 -6.67 -15.88 20.11
N LEU B 139 -7.86 -15.48 19.68
CA LEU B 139 -9.12 -15.99 20.23
C LEU B 139 -9.64 -17.16 19.42
N GLY B 140 -8.93 -17.55 18.38
CA GLY B 140 -9.38 -18.57 17.48
C GLY B 140 -10.41 -18.11 16.46
N ILE B 141 -10.53 -16.82 16.24
CA ILE B 141 -11.46 -16.26 15.26
C ILE B 141 -10.65 -15.42 14.29
N ILE B 142 -11.33 -14.73 13.40
CA ILE B 142 -10.65 -13.97 12.36
C ILE B 142 -11.30 -12.61 12.23
N ALA B 143 -10.55 -11.65 11.73
CA ALA B 143 -11.16 -10.36 11.39
C ALA B 143 -12.10 -10.46 10.21
N PRO B 144 -13.22 -9.75 10.25
CA PRO B 144 -14.05 -9.70 9.04
C PRO B 144 -13.31 -9.01 7.89
N PHE B 145 -13.73 -9.34 6.67
CA PHE B 145 -12.99 -8.85 5.50
C PHE B 145 -12.88 -7.32 5.53
N TRP B 146 -13.93 -6.65 6.03
CA TRP B 146 -13.98 -5.19 5.97
C TRP B 146 -13.05 -4.57 6.98
N LEU B 147 -12.83 -5.30 8.06
CA LEU B 147 -11.88 -4.81 9.04
C LEU B 147 -10.45 -5.08 8.59
N LYS B 148 -10.25 -6.24 7.98
CA LYS B 148 -8.98 -6.53 7.31
C LYS B 148 -8.71 -5.43 6.31
N ASP B 149 -9.70 -5.04 5.50
CA ASP B 149 -9.45 -3.98 4.51
C ASP B 149 -9.12 -2.66 5.17
N THR B 150 -9.77 -2.37 6.28
CA THR B 150 -9.47 -1.13 7.00
C THR B 150 -8.02 -1.16 7.48
N LEU B 151 -7.55 -2.32 8.00
CA LEU B 151 -6.19 -2.42 8.46
C LEU B 151 -5.21 -2.29 7.31
N GLU B 152 -5.52 -2.95 6.19
CA GLU B 152 -4.62 -2.83 5.04
C GLU B 152 -4.55 -1.39 4.55
N ASN B 153 -5.66 -0.67 4.65
CA ASN B 153 -5.71 0.74 4.27
C ASN B 153 -4.94 1.62 5.24
N THR B 154 -4.56 1.07 6.39
CA THR B 154 -3.84 1.80 7.37
C THR B 154 -2.33 1.50 7.38
N ILE B 155 -1.96 0.21 7.23
CA ILE B 155 -0.59 -0.19 7.37
C ILE B 155 -0.02 -0.93 6.15
N GLY B 156 -0.81 -1.12 5.10
CA GLY B 156 -0.35 -1.79 3.92
C GLY B 156 -0.50 -3.30 3.99
N HIS B 157 -0.36 -3.92 2.81
CA HIS B 157 -0.61 -5.37 2.71
C HIS B 157 0.33 -6.19 3.57
N ARG B 158 1.62 -5.98 3.44
CA ARG B 158 2.55 -6.90 4.13
C ARG B 158 2.33 -6.86 5.61
N ALA B 159 2.28 -5.66 6.16
CA ALA B 159 2.17 -5.54 7.60
C ALA B 159 0.81 -6.06 8.07
N ALA B 160 -0.25 -5.86 7.35
CA ALA B 160 -1.55 -6.43 7.68
C ALA B 160 -1.52 -7.96 7.71
N GLU B 161 -0.80 -8.58 6.74
CA GLU B 161 -0.62 -10.02 6.72
C GLU B 161 -0.09 -10.53 8.05
N ARG B 162 1.00 -9.92 8.47
CA ARG B 162 1.70 -10.36 9.68
C ARG B 162 0.85 -10.05 10.91
N ALA B 163 0.32 -8.82 10.96
CA ALA B 163 -0.46 -8.38 12.13
C ALA B 163 -1.67 -9.25 12.36
N LEU B 164 -2.37 -9.56 11.27
CA LEU B 164 -3.58 -10.35 11.39
C LEU B 164 -3.28 -11.80 11.69
N GLN B 165 -2.31 -12.42 10.98
CA GLN B 165 -2.09 -13.83 11.27
C GLN B 165 -1.59 -13.99 12.69
N LEU B 166 -0.63 -13.21 13.13
CA LEU B 166 -0.08 -13.33 14.49
C LEU B 166 -0.98 -12.74 15.56
N GLY B 167 -2.03 -12.05 15.12
CA GLY B 167 -2.91 -11.40 16.05
C GLY B 167 -2.21 -10.46 17.00
N LEU B 168 -1.27 -9.67 16.41
CA LEU B 168 -0.41 -8.84 17.21
C LEU B 168 -1.12 -7.69 17.90
N LEU B 169 -0.78 -7.50 19.15
CA LEU B 169 -1.11 -6.31 19.90
C LEU B 169 0.19 -5.54 20.02
N PHE B 170 0.30 -4.48 19.22
CA PHE B 170 1.51 -3.71 19.13
C PHE B 170 1.65 -2.82 20.36
N PRO B 171 2.71 -2.92 21.13
CA PRO B 171 2.99 -1.88 22.12
C PRO B 171 3.35 -0.57 21.39
N PRO B 172 3.35 0.52 22.13
CA PRO B 172 3.43 1.83 21.47
C PRO B 172 4.55 2.02 20.47
N ALA B 173 5.80 1.70 20.82
CA ALA B 173 6.85 1.91 19.83
C ALA B 173 6.65 1.12 18.56
N GLU B 174 6.26 -0.14 18.70
CA GLU B 174 6.02 -0.99 17.53
C GLU B 174 4.81 -0.53 16.75
N ALA B 175 3.79 -0.03 17.46
CA ALA B 175 2.59 0.51 16.84
C ALA B 175 2.89 1.69 15.92
N LEU B 176 3.74 2.59 16.43
CA LEU B 176 4.15 3.72 15.61
C LEU B 176 4.98 3.25 14.42
N GLN B 177 5.92 2.31 14.63
CA GLN B 177 6.78 1.85 13.57
C GLN B 177 6.03 1.20 12.42
N VAL B 178 4.98 0.43 12.77
CA VAL B 178 4.17 -0.28 11.75
C VAL B 178 3.15 0.63 11.10
N GLY B 179 2.84 1.74 11.78
CA GLY B 179 1.96 2.75 11.17
C GLY B 179 0.52 2.62 11.62
N ILE B 180 0.20 1.81 12.59
CA ILE B 180 -1.17 1.60 13.03
C ILE B 180 -1.67 2.77 13.86
N VAL B 181 -0.74 3.53 14.44
CA VAL B 181 -1.06 4.83 14.99
C VAL B 181 -0.14 5.87 14.35
N ASP B 182 -0.53 7.13 14.45
CA ASP B 182 0.19 8.22 13.80
C ASP B 182 1.17 8.96 14.70
N GLN B 183 0.90 8.98 15.99
CA GLN B 183 1.80 9.54 16.97
C GLN B 183 1.76 8.75 18.28
N VAL B 184 2.88 8.71 18.97
CA VAL B 184 2.98 8.18 20.29
C VAL B 184 3.51 9.31 21.17
N VAL B 185 2.82 9.66 22.21
CA VAL B 185 3.14 10.78 23.08
C VAL B 185 3.02 10.31 24.53
N PRO B 186 3.72 11.02 25.40
CA PRO B 186 3.59 10.72 26.84
C PRO B 186 2.11 10.75 27.22
N GLU B 187 1.79 9.90 28.18
CA GLU B 187 0.41 9.73 28.60
C GLU B 187 -0.27 11.06 28.94
N GLU B 188 0.51 11.90 29.61
CA GLU B 188 -0.23 13.12 30.03
C GLU B 188 -0.39 14.14 28.91
N GLN B 189 0.11 13.86 27.74
CA GLN B 189 -0.02 14.70 26.55
C GLN B 189 -1.02 14.13 25.55
N VAL B 190 -1.69 13.02 25.83
CA VAL B 190 -2.48 12.41 24.71
C VAL B 190 -3.65 13.30 24.35
N GLN B 191 -4.29 13.90 25.34
CA GLN B 191 -5.50 14.73 25.10
C GLN B 191 -5.11 16.03 24.45
N SER B 192 -3.98 16.63 24.90
CA SER B 192 -3.58 17.88 24.29
C SER B 192 -3.11 17.67 22.84
N THR B 193 -2.46 16.57 22.53
CA THR B 193 -2.04 16.25 21.19
C THR B 193 -3.25 16.04 20.31
N ALA B 194 -4.29 15.38 20.86
CA ALA B 194 -5.47 15.21 20.04
C ALA B 194 -6.10 16.55 19.76
N LEU B 195 -6.13 17.49 20.68
CA LEU B 195 -6.70 18.82 20.40
C LEU B 195 -5.88 19.57 19.36
N SER B 196 -4.54 19.49 19.47
CA SER B 196 -3.72 20.13 18.44
C SER B 196 -3.98 19.56 17.06
N ALA B 197 -4.02 18.23 17.02
CA ALA B 197 -4.26 17.54 15.74
C ALA B 197 -5.58 17.97 15.18
N ILE B 198 -6.63 17.94 16.00
CA ILE B 198 -7.94 18.21 15.39
C ILE B 198 -8.14 19.67 15.06
N ALA B 199 -7.45 20.59 15.71
CA ALA B 199 -7.53 21.98 15.31
C ALA B 199 -7.15 22.14 13.85
N GLN B 200 -6.10 21.42 13.46
CA GLN B 200 -5.60 21.51 12.09
C GLN B 200 -6.56 20.91 11.06
N TRP B 201 -7.19 19.80 11.42
CA TRP B 201 -8.10 19.09 10.55
C TRP B 201 -9.39 19.89 10.38
N MET B 202 -9.84 20.54 11.44
CA MET B 202 -11.10 21.26 11.37
C MET B 202 -11.00 22.54 10.54
N ALA B 203 -9.77 23.02 10.33
CA ALA B 203 -9.48 24.22 9.56
C ALA B 203 -9.61 24.02 8.04
N ILE B 204 -9.63 22.79 7.57
CA ILE B 204 -9.77 22.51 6.16
C ILE B 204 -11.20 22.81 5.71
N PRO B 205 -11.39 23.48 4.58
CA PRO B 205 -12.74 23.65 3.99
C PRO B 205 -13.52 22.34 4.06
N ASP B 206 -14.64 22.40 4.77
CA ASP B 206 -15.29 21.22 5.31
C ASP B 206 -15.80 20.29 4.23
N HIS B 207 -16.52 20.85 3.27
CA HIS B 207 -17.09 19.97 2.24
C HIS B 207 -16.03 19.29 1.41
N ALA B 208 -14.97 20.06 1.06
CA ALA B 208 -13.88 19.48 0.30
C ALA B 208 -13.20 18.35 1.05
N ARG B 209 -13.00 18.55 2.35
CA ARG B 209 -12.42 17.48 3.18
C ARG B 209 -13.33 16.24 3.14
N GLN B 210 -14.63 16.47 3.29
CA GLN B 210 -15.59 15.36 3.33
C GLN B 210 -15.61 14.58 2.05
N LEU B 211 -15.62 15.30 0.93
CA LEU B 211 -15.64 14.65 -0.39
C LEU B 211 -14.35 13.84 -0.59
N THR B 212 -13.23 14.40 -0.12
CA THR B 212 -11.97 13.71 -0.22
C THR B 212 -11.97 12.44 0.61
N LYS B 213 -12.44 12.52 1.84
CA LYS B 213 -12.53 11.36 2.71
C LYS B 213 -13.38 10.28 2.05
N ALA B 214 -14.53 10.67 1.48
CA ALA B 214 -15.39 9.73 0.79
C ALA B 214 -14.69 9.08 -0.39
N MET B 215 -13.96 9.89 -1.16
CA MET B 215 -13.21 9.33 -2.28
C MET B 215 -12.24 8.25 -1.82
N MET B 216 -11.61 8.41 -0.67
CA MET B 216 -10.64 7.46 -0.17
C MET B 216 -11.29 6.18 0.41
N ARG B 217 -12.50 6.33 0.91
CA ARG B 217 -13.12 5.27 1.69
C ARG B 217 -14.33 4.62 1.05
N LYS B 218 -14.93 5.19 0.04
CA LYS B 218 -16.22 4.62 -0.37
C LYS B 218 -16.04 3.22 -0.92
N ALA B 219 -14.98 2.91 -1.62
CA ALA B 219 -14.85 1.57 -2.20
C ALA B 219 -14.80 0.50 -1.12
N THR B 220 -14.08 0.81 -0.07
CA THR B 220 -13.95 -0.13 1.06
C THR B 220 -15.31 -0.31 1.72
N ALA B 221 -16.02 0.77 2.00
CA ALA B 221 -17.31 0.64 2.65
C ALA B 221 -18.31 -0.07 1.73
N SER B 222 -18.26 0.21 0.44
CA SER B 222 -19.23 -0.38 -0.50
C SER B 222 -19.13 -1.89 -0.50
N ARG B 223 -17.94 -2.43 -0.23
CA ARG B 223 -17.75 -3.89 -0.21
C ARG B 223 -18.58 -4.49 0.89
N LEU B 224 -18.78 -3.81 2.01
CA LEU B 224 -19.67 -4.33 3.00
C LEU B 224 -21.13 -4.03 2.67
N VAL B 225 -21.43 -2.80 2.27
CA VAL B 225 -22.82 -2.44 2.00
C VAL B 225 -23.45 -3.38 1.00
N THR B 226 -22.72 -3.71 -0.04
CA THR B 226 -23.34 -4.57 -1.06
C THR B 226 -23.40 -5.99 -0.59
N GLN B 227 -22.80 -6.41 0.50
CA GLN B 227 -22.87 -7.83 0.85
C GLN B 227 -23.24 -7.96 2.31
N ARG B 228 -23.99 -7.01 2.83
CA ARG B 228 -24.14 -6.85 4.23
C ARG B 228 -24.92 -8.00 4.87
N ASP B 229 -26.04 -8.40 4.26
CA ASP B 229 -26.81 -9.48 4.96
C ASP B 229 -26.08 -10.79 4.81
N ALA B 230 -25.38 -11.00 3.69
CA ALA B 230 -24.51 -12.18 3.58
C ALA B 230 -23.45 -12.20 4.69
N ASP B 231 -22.89 -11.05 4.98
CA ASP B 231 -21.85 -10.96 6.01
C ASP B 231 -22.43 -11.28 7.39
N VAL B 232 -23.65 -10.89 7.71
CA VAL B 232 -24.30 -11.33 8.93
C VAL B 232 -24.46 -12.87 9.01
N GLN B 233 -24.92 -13.42 7.91
CA GLN B 233 -25.12 -14.87 7.76
C GLN B 233 -23.78 -15.57 8.02
N ASN B 234 -22.73 -15.04 7.40
CA ASN B 234 -21.39 -15.64 7.59
C ASN B 234 -20.90 -15.54 9.01
N PHE B 235 -21.08 -14.42 9.66
CA PHE B 235 -20.71 -14.31 11.06
C PHE B 235 -21.44 -15.34 11.91
N VAL B 236 -22.74 -15.44 11.75
CA VAL B 236 -23.55 -16.35 12.58
C VAL B 236 -23.07 -17.77 12.34
N SER B 237 -22.90 -18.12 11.07
CA SER B 237 -22.51 -19.51 10.77
C SER B 237 -21.17 -19.84 11.38
N PHE B 238 -20.22 -18.89 11.24
CA PHE B 238 -18.87 -19.09 11.76
C PHE B 238 -18.81 -19.13 13.26
N ILE B 239 -19.42 -18.13 13.89
CA ILE B 239 -19.27 -18.04 15.35
C ILE B 239 -20.02 -19.18 16.04
N SER B 240 -20.99 -19.80 15.37
CA SER B 240 -21.83 -20.86 15.93
C SER B 240 -21.16 -22.20 15.90
N LYS B 241 -20.10 -22.33 15.14
CA LYS B 241 -19.38 -23.62 15.11
C LYS B 241 -18.94 -23.99 16.49
N ASP B 242 -19.06 -25.31 16.79
CA ASP B 242 -18.75 -25.68 18.16
C ASP B 242 -17.30 -25.40 18.59
N SER B 243 -16.44 -25.57 17.60
CA SER B 243 -15.03 -25.26 17.87
C SER B 243 -14.79 -23.77 18.17
N ILE B 244 -15.55 -22.91 17.53
CA ILE B 244 -15.42 -21.47 17.78
C ILE B 244 -16.07 -21.15 19.11
N GLN B 245 -17.23 -21.71 19.43
CA GLN B 245 -17.84 -21.50 20.75
C GLN B 245 -16.89 -21.91 21.87
N LYS B 246 -16.27 -23.06 21.61
CA LYS B 246 -15.29 -23.57 22.59
C LYS B 246 -14.10 -22.63 22.78
N SER B 247 -13.55 -22.15 21.68
CA SER B 247 -12.42 -21.20 21.70
C SER B 247 -12.87 -19.97 22.45
N LEU B 248 -14.06 -19.42 22.11
CA LEU B 248 -14.54 -18.23 22.81
C LEU B 248 -14.85 -18.39 24.26
N GLN B 249 -15.51 -19.52 24.65
CA GLN B 249 -15.74 -19.71 26.08
C GLN B 249 -14.41 -19.99 26.83
N MET B 250 -13.47 -20.67 26.17
CA MET B 250 -12.16 -20.84 26.87
C MET B 250 -11.48 -19.50 27.06
N TYR B 251 -11.52 -18.68 25.97
CA TYR B 251 -10.91 -17.35 26.19
C TYR B 251 -11.62 -16.54 27.25
N LEU B 252 -12.95 -16.55 27.33
CA LEU B 252 -13.70 -15.83 28.35
C LEU B 252 -13.30 -16.30 29.75
N GLU B 253 -13.20 -17.61 29.84
CA GLU B 253 -12.84 -18.23 31.11
C GLU B 253 -11.42 -17.79 31.49
N ARG B 254 -10.53 -17.79 30.51
CA ARG B 254 -9.14 -17.31 30.77
C ARG B 254 -9.13 -15.88 31.25
N LEU B 255 -9.95 -15.04 30.59
CA LEU B 255 -10.04 -13.64 30.99
C LEU B 255 -10.50 -13.46 32.43
N LYS B 256 -11.50 -14.27 32.78
CA LYS B 256 -12.08 -14.05 34.10
C LYS B 256 -11.08 -14.47 35.17
N GLU B 257 -10.35 -15.52 34.83
CA GLU B 257 -9.35 -16.07 35.76
C GLU B 257 -8.19 -15.12 35.96
N GLU B 258 -7.83 -14.45 34.86
CA GLU B 258 -6.69 -13.52 35.03
C GLU B 258 -6.98 -12.31 35.89
N LYS B 259 -8.23 -12.12 36.36
CA LYS B 259 -8.40 -10.91 37.20
C LYS B 259 -8.93 -11.27 38.58
N GLY B 260 -9.86 -12.20 38.63
CA GLY B 260 -10.45 -12.62 39.89
C GLY B 260 -9.71 -13.81 40.49
N GLN C 3 17.32 -35.97 -2.32
CA GLN C 3 18.50 -35.50 -3.07
C GLN C 3 18.41 -34.01 -3.38
N ARG C 4 17.42 -33.41 -4.06
CA ARG C 4 17.58 -31.97 -4.30
C ARG C 4 17.02 -31.17 -3.12
N VAL C 5 16.14 -31.80 -2.35
CA VAL C 5 15.43 -31.17 -1.26
C VAL C 5 15.54 -32.06 -0.02
N LEU C 6 16.20 -31.55 1.00
CA LEU C 6 16.29 -32.34 2.23
C LEU C 6 15.26 -31.84 3.22
N VAL C 7 14.47 -32.75 3.75
CA VAL C 7 13.48 -32.33 4.74
C VAL C 7 13.93 -32.92 6.05
N GLU C 8 14.25 -32.01 6.98
CA GLU C 8 14.76 -32.39 8.27
C GLU C 8 13.77 -32.05 9.35
N PRO C 9 13.03 -33.01 9.86
CA PRO C 9 12.09 -32.73 10.90
C PRO C 9 12.79 -32.27 12.17
N ASP C 10 12.32 -31.27 12.91
CA ASP C 10 12.90 -31.03 14.22
C ASP C 10 12.57 -32.15 15.18
N ALA C 11 13.44 -32.42 16.16
CA ALA C 11 12.99 -33.21 17.29
C ALA C 11 11.75 -32.61 17.95
N GLY C 12 10.77 -33.42 18.31
CA GLY C 12 9.49 -32.97 18.84
C GLY C 12 8.49 -32.63 17.75
N ALA C 13 8.88 -32.70 16.49
CA ALA C 13 8.05 -32.43 15.32
C ALA C 13 7.57 -31.00 15.37
N GLY C 14 6.40 -30.67 14.85
CA GLY C 14 5.89 -29.35 14.68
C GLY C 14 6.49 -28.61 13.48
N VAL C 15 7.80 -28.42 13.53
CA VAL C 15 8.53 -27.65 12.54
C VAL C 15 9.50 -28.56 11.81
N ALA C 16 9.64 -28.39 10.50
CA ALA C 16 10.68 -29.02 9.74
C ALA C 16 11.54 -27.99 9.05
N VAL C 17 12.77 -28.33 8.75
CA VAL C 17 13.65 -27.47 7.98
C VAL C 17 13.78 -28.07 6.60
N MET C 18 13.47 -27.39 5.52
CA MET C 18 13.64 -27.85 4.19
C MET C 18 14.89 -27.20 3.63
N LYS C 19 15.91 -27.98 3.32
CA LYS C 19 17.17 -27.46 2.81
C LYS C 19 17.34 -27.73 1.33
N PHE C 20 17.55 -26.66 0.55
CA PHE C 20 17.81 -26.81 -0.86
C PHE C 20 19.22 -27.34 -1.14
N LYS C 21 19.25 -28.33 -1.99
CA LYS C 21 20.53 -28.98 -2.36
C LYS C 21 20.54 -29.36 -3.82
N ASN C 22 20.48 -28.35 -4.68
CA ASN C 22 20.67 -28.53 -6.13
C ASN C 22 21.84 -27.68 -6.56
N PRO C 23 23.05 -28.20 -6.31
CA PRO C 23 24.25 -27.40 -6.59
C PRO C 23 24.41 -27.16 -8.09
N PRO C 24 25.14 -26.11 -8.46
CA PRO C 24 25.85 -25.24 -7.53
C PRO C 24 25.10 -24.06 -6.93
N VAL C 25 23.90 -23.74 -7.43
CA VAL C 25 23.29 -22.48 -6.99
C VAL C 25 21.81 -22.65 -6.69
N ASN C 26 21.36 -23.84 -6.43
CA ASN C 26 19.95 -24.15 -6.13
C ASN C 26 19.06 -23.60 -7.23
N SER C 27 19.43 -23.76 -8.48
CA SER C 27 18.65 -23.41 -9.64
C SER C 27 17.34 -24.17 -9.64
N LEU C 28 16.26 -23.50 -10.01
CA LEU C 28 14.96 -24.15 -10.03
C LEU C 28 14.75 -24.94 -11.31
N SER C 29 15.47 -26.07 -11.35
CA SER C 29 15.23 -26.98 -12.46
C SER C 29 13.82 -27.55 -12.40
N LEU C 30 13.34 -28.16 -13.51
CA LEU C 30 12.01 -28.78 -13.41
C LEU C 30 11.93 -29.82 -12.30
N GLU C 31 12.95 -30.69 -12.27
CA GLU C 31 13.07 -31.68 -11.21
C GLU C 31 13.07 -31.08 -9.84
N PHE C 32 13.84 -29.99 -9.61
CA PHE C 32 13.84 -29.43 -8.26
C PHE C 32 12.47 -28.83 -7.95
N LEU C 33 11.86 -28.15 -8.94
CA LEU C 33 10.53 -27.59 -8.71
C LEU C 33 9.53 -28.61 -8.22
N THR C 34 9.53 -29.78 -8.85
CA THR C 34 8.56 -30.80 -8.49
C THR C 34 8.95 -31.47 -7.18
N GLU C 35 10.25 -31.59 -6.89
CA GLU C 35 10.60 -32.07 -5.56
C GLU C 35 10.15 -31.13 -4.47
N LEU C 36 10.24 -29.82 -4.69
CA LEU C 36 9.79 -28.86 -3.70
C LEU C 36 8.29 -28.99 -3.51
N VAL C 37 7.53 -29.11 -4.60
CA VAL C 37 6.08 -29.20 -4.48
C VAL C 37 5.67 -30.45 -3.74
N ILE C 38 6.23 -31.62 -4.08
CA ILE C 38 5.89 -32.85 -3.36
C ILE C 38 6.27 -32.79 -1.89
N SER C 39 7.47 -32.26 -1.61
CA SER C 39 7.91 -32.20 -0.22
C SER C 39 6.99 -31.31 0.61
N LEU C 40 6.60 -30.17 0.04
CA LEU C 40 5.70 -29.27 0.74
C LEU C 40 4.36 -29.95 1.00
N GLU C 41 3.82 -30.62 -0.02
CA GLU C 41 2.54 -31.33 0.10
C GLU C 41 2.61 -32.40 1.17
N LYS C 42 3.71 -33.14 1.26
CA LYS C 42 3.88 -34.17 2.31
C LYS C 42 3.78 -33.56 3.67
N LEU C 43 4.46 -32.40 3.84
CA LEU C 43 4.45 -31.73 5.12
C LEU C 43 3.11 -31.16 5.44
N GLU C 44 2.43 -30.63 4.42
CA GLU C 44 1.06 -30.19 4.64
C GLU C 44 0.18 -31.33 5.14
N ASN C 45 0.24 -32.44 4.44
CA ASN C 45 -0.66 -33.57 4.77
C ASN C 45 -0.31 -34.22 6.08
N ASP C 46 0.94 -34.17 6.54
CA ASP C 46 1.33 -34.74 7.83
C ASP C 46 0.85 -33.88 8.96
N LYS C 47 -0.03 -34.45 9.80
CA LYS C 47 -0.61 -33.61 10.84
C LYS C 47 0.41 -33.30 11.92
N SER C 48 1.54 -33.99 11.91
CA SER C 48 2.57 -33.62 12.88
C SER C 48 3.36 -32.34 12.62
N PHE C 49 3.22 -31.80 11.43
CA PHE C 49 3.98 -30.64 10.99
C PHE C 49 3.05 -29.52 10.57
N ARG C 50 3.33 -28.34 11.13
CA ARG C 50 2.58 -27.16 10.76
C ARG C 50 3.40 -25.96 10.31
N GLY C 51 4.70 -26.04 10.42
CA GLY C 51 5.58 -24.98 9.96
C GLY C 51 6.84 -25.52 9.32
N VAL C 52 7.39 -24.77 8.36
CA VAL C 52 8.62 -25.15 7.66
C VAL C 52 9.51 -23.94 7.53
N ILE C 53 10.79 -24.16 7.76
CA ILE C 53 11.82 -23.16 7.52
C ILE C 53 12.45 -23.50 6.21
N LEU C 54 12.57 -22.65 5.25
CA LEU C 54 13.18 -22.88 3.97
C LEU C 54 14.56 -22.26 3.94
N THR C 55 15.59 -22.99 3.55
CA THR C 55 16.96 -22.48 3.59
C THR C 55 17.85 -23.25 2.66
N SER C 56 19.02 -22.76 2.32
CA SER C 56 19.96 -23.58 1.56
C SER C 56 20.74 -24.52 2.46
N ASP C 57 20.98 -25.73 1.98
CA ASP C 57 21.89 -26.64 2.69
C ASP C 57 23.27 -26.03 2.87
N ARG C 58 23.79 -25.41 1.81
CA ARG C 58 25.07 -24.72 1.93
C ARG C 58 24.86 -23.20 1.81
N PRO C 59 25.41 -22.47 2.74
CA PRO C 59 25.26 -20.99 2.61
C PRO C 59 26.02 -20.48 1.40
N GLY C 60 25.48 -19.38 0.88
CA GLY C 60 26.10 -18.66 -0.19
C GLY C 60 25.09 -18.17 -1.22
N VAL C 61 24.33 -19.13 -1.68
CA VAL C 61 23.23 -18.84 -2.59
C VAL C 61 21.98 -19.53 -2.07
N PHE C 62 20.95 -18.71 -1.80
CA PHE C 62 19.67 -19.29 -1.43
C PHE C 62 19.07 -20.00 -2.63
N SER C 63 18.81 -19.27 -3.71
CA SER C 63 18.54 -19.86 -4.99
C SER C 63 18.86 -18.83 -6.08
N ALA C 64 19.53 -19.28 -7.12
CA ALA C 64 19.77 -18.42 -8.28
C ALA C 64 18.55 -18.16 -9.13
N GLY C 65 17.48 -18.88 -8.84
CA GLY C 65 16.24 -18.68 -9.55
C GLY C 65 16.05 -19.72 -10.63
N LEU C 66 15.30 -19.29 -11.62
CA LEU C 66 14.90 -20.17 -12.70
C LEU C 66 16.15 -20.73 -13.37
N ASP C 67 16.07 -21.98 -13.77
CA ASP C 67 17.13 -22.65 -14.48
C ASP C 67 17.06 -22.28 -15.98
N LEU C 68 17.99 -21.40 -16.40
CA LEU C 68 17.96 -20.85 -17.73
C LEU C 68 18.15 -21.93 -18.80
N THR C 69 18.72 -23.07 -18.46
CA THR C 69 18.84 -24.14 -19.45
C THR C 69 17.48 -24.76 -19.77
N GLU C 70 16.52 -24.60 -18.88
CA GLU C 70 15.16 -25.06 -19.21
C GLU C 70 14.48 -24.08 -20.15
N MET C 71 15.10 -22.92 -20.34
CA MET C 71 14.47 -21.83 -21.06
C MET C 71 15.20 -21.38 -22.33
N CYS C 72 16.25 -22.11 -22.66
CA CYS C 72 17.04 -21.63 -23.77
C CYS C 72 17.19 -22.63 -24.89
N GLY C 73 17.60 -23.84 -24.58
CA GLY C 73 17.68 -24.60 -25.86
C GLY C 73 16.40 -25.11 -26.45
N ARG C 74 15.16 -24.83 -26.09
CA ARG C 74 14.24 -25.96 -25.99
C ARG C 74 12.97 -25.84 -26.80
N SER C 75 12.10 -26.87 -26.77
CA SER C 75 10.88 -26.86 -27.57
C SER C 75 9.76 -26.03 -26.95
N PRO C 76 8.79 -25.61 -27.73
CA PRO C 76 7.69 -24.87 -27.14
C PRO C 76 7.03 -25.68 -26.04
N ALA C 77 6.87 -26.97 -26.22
CA ALA C 77 6.16 -27.74 -25.19
C ALA C 77 6.99 -27.79 -23.91
N HIS C 78 8.31 -27.90 -24.07
CA HIS C 78 9.18 -27.86 -22.90
C HIS C 78 9.05 -26.58 -22.13
N TYR C 79 9.05 -25.44 -22.84
CA TYR C 79 8.89 -24.14 -22.20
C TYR C 79 7.59 -24.11 -21.42
N ALA C 80 6.52 -24.62 -22.07
CA ALA C 80 5.20 -24.59 -21.44
C ALA C 80 5.13 -25.46 -20.20
N GLY C 81 5.73 -26.67 -20.29
CA GLY C 81 5.62 -27.55 -19.13
C GLY C 81 6.44 -27.04 -17.95
N TYR C 82 7.59 -26.46 -18.31
CA TYR C 82 8.41 -25.82 -17.29
C TYR C 82 7.65 -24.67 -16.61
N TRP C 83 7.00 -23.81 -17.40
CA TRP C 83 6.32 -22.69 -16.79
C TRP C 83 5.16 -23.15 -15.94
N LYS C 84 4.41 -24.15 -16.35
CA LYS C 84 3.35 -24.70 -15.55
C LYS C 84 3.86 -25.13 -14.21
N ALA C 85 5.05 -25.72 -14.14
CA ALA C 85 5.67 -26.10 -12.90
C ALA C 85 6.11 -24.91 -12.04
N VAL C 86 6.62 -23.87 -12.69
CA VAL C 86 6.98 -22.65 -11.97
C VAL C 86 5.75 -22.03 -11.31
N GLN C 87 4.68 -21.92 -12.09
CA GLN C 87 3.41 -21.48 -11.54
C GLN C 87 2.95 -22.35 -10.38
N GLU C 88 3.05 -23.67 -10.55
CA GLU C 88 2.60 -24.57 -9.52
C GLU C 88 3.33 -24.30 -8.21
N LEU C 89 4.64 -24.11 -8.29
CA LEU C 89 5.40 -23.85 -7.09
C LEU C 89 4.95 -22.56 -6.39
N TRP C 90 4.78 -21.51 -7.15
CA TRP C 90 4.30 -20.26 -6.59
C TRP C 90 2.90 -20.41 -5.95
N LEU C 91 2.00 -21.07 -6.69
CA LEU C 91 0.65 -21.24 -6.14
C LEU C 91 0.65 -22.02 -4.84
N ARG C 92 1.43 -23.11 -4.85
CA ARG C 92 1.48 -23.96 -3.67
C ARG C 92 2.18 -23.33 -2.48
N LEU C 93 3.26 -22.62 -2.73
CA LEU C 93 3.89 -21.88 -1.63
C LEU C 93 3.01 -20.76 -1.12
N TYR C 94 2.54 -19.93 -2.06
CA TYR C 94 1.84 -18.75 -1.61
C TYR C 94 0.60 -19.07 -0.82
N GLN C 95 -0.06 -20.16 -1.17
CA GLN C 95 -1.31 -20.54 -0.51
C GLN C 95 -1.15 -21.65 0.49
N SER C 96 0.09 -21.99 0.85
CA SER C 96 0.31 -23.09 1.76
C SER C 96 -0.38 -22.85 3.10
N ASN C 97 -1.00 -23.90 3.60
CA ASN C 97 -1.56 -23.84 4.95
C ASN C 97 -0.49 -23.88 6.01
N LEU C 98 0.73 -24.29 5.68
CA LEU C 98 1.84 -24.25 6.60
C LEU C 98 2.27 -22.82 6.88
N VAL C 99 2.86 -22.63 8.06
CA VAL C 99 3.67 -21.46 8.33
C VAL C 99 4.97 -21.65 7.49
N LEU C 100 5.35 -20.71 6.68
CA LEU C 100 6.61 -20.78 5.93
C LEU C 100 7.51 -19.59 6.36
N VAL C 101 8.70 -19.93 6.78
CA VAL C 101 9.71 -18.93 7.12
C VAL C 101 10.96 -19.16 6.28
N SER C 102 11.50 -18.13 5.64
CA SER C 102 12.71 -18.23 4.88
C SER C 102 13.90 -17.81 5.77
N ALA C 103 14.86 -18.70 5.92
CA ALA C 103 16.15 -18.36 6.47
C ALA C 103 17.08 -18.15 5.30
N ILE C 104 17.19 -16.90 4.88
CA ILE C 104 17.85 -16.58 3.62
C ILE C 104 19.33 -16.46 3.87
N ASN C 105 20.03 -17.54 3.59
CA ASN C 105 21.43 -17.70 3.93
C ASN C 105 22.30 -17.68 2.67
N GLY C 106 21.94 -16.89 1.70
CA GLY C 106 22.69 -16.66 0.50
C GLY C 106 22.03 -15.61 -0.36
N ALA C 107 22.68 -15.30 -1.47
CA ALA C 107 22.12 -14.45 -2.51
C ALA C 107 20.76 -14.99 -2.94
N CYS C 108 19.88 -14.06 -3.28
CA CYS C 108 18.49 -14.41 -3.58
C CYS C 108 17.89 -13.56 -4.69
N PRO C 109 18.41 -13.73 -5.90
CA PRO C 109 17.86 -13.04 -7.07
C PRO C 109 16.58 -13.69 -7.55
N ALA C 110 15.97 -13.10 -8.54
CA ALA C 110 14.71 -13.37 -9.18
C ALA C 110 13.98 -14.61 -8.70
N GLY C 111 14.14 -15.76 -9.26
CA GLY C 111 13.34 -16.89 -8.81
C GLY C 111 13.55 -17.28 -7.35
N GLY C 112 14.71 -17.02 -6.77
CA GLY C 112 14.94 -17.23 -5.37
C GLY C 112 14.10 -16.31 -4.50
N CYS C 113 14.03 -15.10 -5.02
CA CYS C 113 13.29 -14.06 -4.33
C CYS C 113 11.81 -14.46 -4.39
N LEU C 114 11.35 -15.07 -5.49
CA LEU C 114 10.00 -15.63 -5.58
C LEU C 114 9.69 -16.52 -4.37
N VAL C 115 10.56 -17.53 -4.17
CA VAL C 115 10.38 -18.41 -3.05
C VAL C 115 10.28 -17.64 -1.75
N ALA C 116 11.23 -16.74 -1.53
CA ALA C 116 11.23 -15.94 -0.29
C ALA C 116 9.96 -15.15 -0.11
N LEU C 117 9.49 -14.49 -1.16
CA LEU C 117 8.34 -13.60 -1.10
C LEU C 117 7.06 -14.38 -0.82
N THR C 118 7.04 -15.67 -1.12
CA THR C 118 5.87 -16.42 -0.76
C THR C 118 5.78 -16.83 0.69
N CYS C 119 6.85 -16.69 1.45
CA CYS C 119 6.84 -17.08 2.86
C CYS C 119 6.08 -16.05 3.68
N ASP C 120 5.77 -16.44 4.90
CA ASP C 120 5.14 -15.61 5.90
C ASP C 120 6.11 -14.68 6.60
N TYR C 121 7.40 -15.01 6.59
CA TYR C 121 8.40 -14.20 7.26
C TYR C 121 9.76 -14.47 6.60
N ARG C 122 10.57 -13.46 6.49
CA ARG C 122 11.86 -13.52 5.78
C ARG C 122 12.93 -12.94 6.66
N ILE C 123 13.92 -13.78 6.95
CA ILE C 123 15.08 -13.39 7.73
C ILE C 123 16.30 -13.53 6.83
N LEU C 124 17.10 -12.49 6.75
CA LEU C 124 18.25 -12.43 5.85
C LEU C 124 19.55 -12.38 6.65
N ALA C 125 20.47 -13.27 6.33
CA ALA C 125 21.82 -13.26 6.91
C ALA C 125 22.57 -12.05 6.38
N ASP C 126 23.24 -11.42 7.34
CA ASP C 126 23.92 -10.14 7.08
C ASP C 126 25.24 -10.34 6.39
N ASN C 127 25.29 -10.64 5.16
CA ASN C 127 26.52 -10.76 4.36
C ASN C 127 26.34 -9.82 3.20
N PRO C 128 27.27 -8.96 2.83
CA PRO C 128 27.03 -8.03 1.74
C PRO C 128 26.86 -8.66 0.38
N ARG C 129 27.19 -9.94 0.20
CA ARG C 129 26.94 -10.67 -1.00
C ARG C 129 25.52 -11.25 -1.11
N TYR C 130 24.79 -11.23 0.00
CA TYR C 130 23.49 -11.88 0.00
C TYR C 130 22.40 -10.87 -0.32
N CYS C 131 22.33 -10.54 -1.60
CA CYS C 131 21.39 -9.53 -2.08
C CYS C 131 20.14 -10.17 -2.60
N ILE C 132 19.04 -9.48 -2.41
CA ILE C 132 17.73 -10.07 -2.71
C ILE C 132 16.92 -9.11 -3.56
N GLY C 133 16.27 -9.64 -4.59
CA GLY C 133 15.43 -8.79 -5.41
C GLY C 133 15.00 -9.47 -6.67
N LEU C 134 14.17 -8.80 -7.43
CA LEU C 134 13.63 -9.28 -8.70
C LEU C 134 14.35 -8.55 -9.82
N ASN C 135 15.43 -9.16 -10.26
CA ASN C 135 16.35 -8.54 -11.20
C ASN C 135 16.17 -8.98 -12.65
N GLU C 136 15.00 -9.44 -13.02
CA GLU C 136 14.63 -9.90 -14.36
C GLU C 136 15.02 -8.89 -15.43
N THR C 137 14.78 -7.59 -15.20
CA THR C 137 15.06 -6.67 -16.29
C THR C 137 16.53 -6.62 -16.64
N GLN C 138 17.44 -7.05 -15.75
CA GLN C 138 18.84 -7.04 -16.11
C GLN C 138 19.16 -7.91 -17.34
N LEU C 139 18.35 -8.94 -17.55
CA LEU C 139 18.52 -9.89 -18.62
C LEU C 139 17.58 -9.57 -19.76
N GLY C 140 16.85 -8.46 -19.63
CA GLY C 140 15.88 -8.15 -20.66
C GLY C 140 14.58 -8.90 -20.54
N ILE C 141 14.32 -9.44 -19.35
CA ILE C 141 13.13 -10.24 -19.08
C ILE C 141 12.30 -9.46 -18.08
N ILE C 142 11.07 -9.82 -17.88
CA ILE C 142 10.23 -9.13 -16.91
C ILE C 142 9.66 -10.13 -15.92
N ALA C 143 9.33 -9.66 -14.73
CA ALA C 143 8.60 -10.52 -13.82
C ALA C 143 7.18 -10.76 -14.29
N PRO C 144 6.65 -11.95 -14.11
CA PRO C 144 5.26 -12.20 -14.49
C PRO C 144 4.36 -11.39 -13.56
N PHE C 145 3.11 -11.14 -14.00
CA PHE C 145 2.25 -10.28 -13.23
C PHE C 145 2.06 -10.73 -11.78
N TRP C 146 1.99 -12.05 -11.61
CA TRP C 146 1.71 -12.57 -10.28
C TRP C 146 2.88 -12.42 -9.34
N LEU C 147 4.10 -12.40 -9.90
CA LEU C 147 5.29 -12.18 -9.10
C LEU C 147 5.39 -10.69 -8.77
N LYS C 148 5.07 -9.83 -9.75
CA LYS C 148 4.97 -8.40 -9.49
C LYS C 148 3.93 -8.16 -8.37
N ASP C 149 2.77 -8.84 -8.47
CA ASP C 149 1.78 -8.63 -7.42
C ASP C 149 2.31 -9.08 -6.08
N THR C 150 3.04 -10.17 -6.00
CA THR C 150 3.63 -10.66 -4.77
C THR C 150 4.58 -9.61 -4.20
N LEU C 151 5.40 -9.02 -5.10
CA LEU C 151 6.31 -7.96 -4.64
C LEU C 151 5.56 -6.74 -4.13
N GLU C 152 4.55 -6.28 -4.87
CA GLU C 152 3.76 -5.12 -4.43
C GLU C 152 3.11 -5.41 -3.07
N ASN C 153 2.68 -6.65 -2.87
CA ASN C 153 2.09 -7.09 -1.64
C ASN C 153 3.11 -7.13 -0.50
N THR C 154 4.39 -7.06 -0.83
CA THR C 154 5.46 -7.09 0.15
C THR C 154 6.02 -5.71 0.49
N ILE C 155 6.22 -4.89 -0.53
CA ILE C 155 6.91 -3.61 -0.32
C ILE C 155 6.12 -2.38 -0.79
N GLY C 156 4.91 -2.58 -1.28
CA GLY C 156 4.07 -1.49 -1.76
C GLY C 156 4.32 -1.13 -3.19
N HIS C 157 3.38 -0.34 -3.74
CA HIS C 157 3.44 -0.03 -5.15
C HIS C 157 4.69 0.76 -5.56
N ARG C 158 5.00 1.85 -4.87
CA ARG C 158 6.07 2.73 -5.37
C ARG C 158 7.39 1.94 -5.39
N ALA C 159 7.65 1.27 -4.27
CA ALA C 159 8.93 0.56 -4.17
C ALA C 159 9.00 -0.55 -5.18
N ALA C 160 7.89 -1.25 -5.42
CA ALA C 160 7.92 -2.27 -6.47
C ALA C 160 8.14 -1.72 -7.87
N GLU C 161 7.56 -0.54 -8.13
CA GLU C 161 7.73 0.06 -9.43
C GLU C 161 9.22 0.27 -9.72
N ARG C 162 9.92 0.84 -8.75
CA ARG C 162 11.35 1.10 -8.86
C ARG C 162 12.20 -0.18 -8.89
N ALA C 163 11.91 -1.08 -7.95
CA ALA C 163 12.69 -2.31 -7.81
C ALA C 163 12.61 -3.16 -9.04
N LEU C 164 11.41 -3.26 -9.61
CA LEU C 164 11.24 -4.08 -10.80
C LEU C 164 11.83 -3.43 -12.02
N GLN C 165 11.59 -2.14 -12.22
CA GLN C 165 12.18 -1.50 -13.42
C GLN C 165 13.70 -1.54 -13.42
N LEU C 166 14.30 -1.20 -12.28
CA LEU C 166 15.76 -1.20 -12.16
C LEU C 166 16.33 -2.57 -11.95
N GLY C 167 15.47 -3.57 -11.74
CA GLY C 167 15.97 -4.92 -11.56
C GLY C 167 16.94 -5.00 -10.40
N LEU C 168 16.59 -4.39 -9.27
CA LEU C 168 17.48 -4.22 -8.14
C LEU C 168 17.64 -5.45 -7.28
N LEU C 169 18.87 -5.67 -6.87
CA LEU C 169 19.19 -6.63 -5.84
C LEU C 169 19.62 -5.80 -4.65
N PHE C 170 18.85 -5.91 -3.56
CA PHE C 170 19.09 -5.15 -2.36
C PHE C 170 20.07 -5.86 -1.45
N PRO C 171 21.16 -5.24 -1.06
CA PRO C 171 21.98 -5.81 0.02
C PRO C 171 21.23 -5.75 1.33
N PRO C 172 21.66 -6.48 2.34
CA PRO C 172 20.83 -6.62 3.55
C PRO C 172 20.30 -5.34 4.18
N ALA C 173 21.08 -4.32 4.41
CA ALA C 173 20.51 -3.13 5.07
C ALA C 173 19.44 -2.50 4.20
N GLU C 174 19.68 -2.43 2.90
CA GLU C 174 18.68 -1.82 1.99
C GLU C 174 17.44 -2.71 1.90
N ALA C 175 17.64 -4.03 1.95
CA ALA C 175 16.54 -4.97 1.84
C ALA C 175 15.60 -4.80 3.03
N LEU C 176 16.19 -4.59 4.19
CA LEU C 176 15.44 -4.37 5.41
C LEU C 176 14.70 -3.06 5.33
N GLN C 177 15.39 -2.01 4.87
CA GLN C 177 14.72 -0.72 4.75
C GLN C 177 13.55 -0.70 3.80
N VAL C 178 13.65 -1.31 2.65
CA VAL C 178 12.56 -1.34 1.69
C VAL C 178 11.48 -2.30 2.11
N GLY C 179 11.76 -3.23 3.01
CA GLY C 179 10.77 -4.13 3.56
C GLY C 179 10.66 -5.46 2.84
N ILE C 180 11.63 -5.76 1.96
CA ILE C 180 11.59 -6.99 1.21
C ILE C 180 11.96 -8.20 2.11
N VAL C 181 12.67 -7.93 3.20
CA VAL C 181 12.88 -8.91 4.27
C VAL C 181 12.40 -8.26 5.56
N ASP C 182 12.15 -9.08 6.58
CA ASP C 182 11.60 -8.64 7.84
C ASP C 182 12.64 -8.47 8.92
N GLN C 183 13.77 -9.16 8.83
CA GLN C 183 14.85 -9.06 9.79
C GLN C 183 16.15 -9.35 9.08
N VAL C 184 17.19 -8.74 9.55
CA VAL C 184 18.58 -9.00 9.17
C VAL C 184 19.34 -9.35 10.45
N VAL C 185 20.02 -10.47 10.45
CA VAL C 185 20.79 -10.92 11.60
C VAL C 185 22.15 -11.41 11.17
N PRO C 186 23.11 -11.48 12.07
CA PRO C 186 24.42 -12.00 11.69
C PRO C 186 24.29 -13.37 11.08
N GLU C 187 25.09 -13.67 10.09
CA GLU C 187 24.90 -14.85 9.28
C GLU C 187 24.96 -16.10 10.13
N GLU C 188 25.77 -16.08 11.19
CA GLU C 188 25.85 -17.27 12.02
C GLU C 188 24.64 -17.44 12.93
N GLN C 189 23.67 -16.54 12.90
CA GLN C 189 22.44 -16.60 13.66
C GLN C 189 21.19 -16.78 12.80
N VAL C 190 21.35 -16.92 11.50
CA VAL C 190 20.14 -16.93 10.65
C VAL C 190 19.27 -18.12 10.97
N GLN C 191 19.88 -19.28 11.19
CA GLN C 191 19.09 -20.50 11.37
C GLN C 191 18.38 -20.48 12.71
N SER C 192 19.11 -20.09 13.75
CA SER C 192 18.49 -20.08 15.09
C SER C 192 17.40 -19.02 15.14
N THR C 193 17.60 -17.89 14.47
CA THR C 193 16.63 -16.83 14.44
C THR C 193 15.36 -17.31 13.77
N ALA C 194 15.48 -18.07 12.71
CA ALA C 194 14.30 -18.60 12.03
C ALA C 194 13.51 -19.51 12.94
N LEU C 195 14.21 -20.33 13.73
CA LEU C 195 13.50 -21.23 14.67
C LEU C 195 12.74 -20.45 15.71
N SER C 196 13.36 -19.41 16.31
CA SER C 196 12.71 -18.52 17.24
C SER C 196 11.53 -17.81 16.61
N ALA C 197 11.70 -17.31 15.38
CA ALA C 197 10.64 -16.55 14.76
C ALA C 197 9.50 -17.50 14.46
N ILE C 198 9.69 -18.67 13.95
CA ILE C 198 8.55 -19.53 13.57
C ILE C 198 7.81 -19.94 14.81
N ALA C 199 8.40 -20.05 16.00
CA ALA C 199 7.69 -20.34 17.22
C ALA C 199 6.53 -19.37 17.47
N GLN C 200 6.65 -18.09 17.13
CA GLN C 200 5.57 -17.13 17.32
C GLN C 200 4.36 -17.56 16.51
N TRP C 201 4.62 -18.00 15.28
CA TRP C 201 3.61 -18.40 14.34
C TRP C 201 2.95 -19.71 14.70
N MET C 202 3.74 -20.65 15.19
CA MET C 202 3.24 -21.93 15.64
C MET C 202 2.30 -21.81 16.83
N ALA C 203 2.38 -20.77 17.60
CA ALA C 203 1.55 -20.57 18.79
C ALA C 203 0.18 -19.98 18.44
N ILE C 204 -0.05 -19.60 17.20
CA ILE C 204 -1.37 -19.10 16.82
C ILE C 204 -2.35 -20.25 16.60
N PRO C 205 -3.55 -20.17 17.14
CA PRO C 205 -4.60 -21.13 16.80
C PRO C 205 -4.62 -21.41 15.30
N ASP C 206 -4.43 -22.68 14.95
CA ASP C 206 -3.99 -23.07 13.61
C ASP C 206 -5.03 -22.78 12.54
N HIS C 207 -6.28 -23.16 12.82
CA HIS C 207 -7.32 -22.90 11.82
C HIS C 207 -7.54 -21.42 11.56
N ALA C 208 -7.54 -20.62 12.63
CA ALA C 208 -7.73 -19.17 12.50
C ALA C 208 -6.60 -18.57 11.71
N ARG C 209 -5.38 -19.00 11.98
CA ARG C 209 -4.23 -18.53 11.22
C ARG C 209 -4.39 -18.83 9.73
N GLN C 210 -4.77 -20.08 9.43
CA GLN C 210 -4.93 -20.46 8.04
C GLN C 210 -6.04 -19.70 7.33
N LEU C 211 -7.14 -19.48 8.03
CA LEU C 211 -8.24 -18.72 7.39
C LEU C 211 -7.80 -17.31 7.12
N THR C 212 -7.01 -16.74 8.04
CA THR C 212 -6.53 -15.36 7.90
C THR C 212 -5.58 -15.26 6.73
N LYS C 213 -4.67 -16.24 6.60
CA LYS C 213 -3.70 -16.23 5.52
C LYS C 213 -4.40 -16.30 4.18
N ALA C 214 -5.40 -17.17 4.09
CA ALA C 214 -6.20 -17.30 2.89
C ALA C 214 -6.95 -16.00 2.55
N MET C 215 -7.49 -15.36 3.53
CA MET C 215 -8.16 -14.07 3.30
C MET C 215 -7.19 -13.04 2.73
N MET C 216 -5.92 -13.07 3.15
CA MET C 216 -4.96 -12.11 2.68
C MET C 216 -4.46 -12.42 1.28
N ARG C 217 -4.47 -13.68 0.89
CA ARG C 217 -3.75 -14.07 -0.34
C ARG C 217 -4.57 -14.62 -1.49
N LYS C 218 -5.81 -15.02 -1.17
CA LYS C 218 -6.61 -15.70 -2.19
C LYS C 218 -6.84 -14.85 -3.43
N ALA C 219 -7.08 -13.57 -3.36
CA ALA C 219 -7.38 -12.71 -4.49
C ALA C 219 -6.14 -12.64 -5.40
N THR C 220 -4.96 -12.51 -4.79
CA THR C 220 -3.75 -12.48 -5.60
C THR C 220 -3.54 -13.80 -6.30
N ALA C 221 -3.70 -14.91 -5.58
CA ALA C 221 -3.56 -16.20 -6.21
C ALA C 221 -4.58 -16.44 -7.31
N SER C 222 -5.80 -16.03 -7.05
CA SER C 222 -6.88 -16.26 -7.99
C SER C 222 -6.62 -15.52 -9.28
N ARG C 223 -5.93 -14.40 -9.27
CA ARG C 223 -5.60 -13.73 -10.53
C ARG C 223 -4.81 -14.63 -11.45
N LEU C 224 -3.95 -15.50 -10.91
CA LEU C 224 -3.23 -16.44 -11.76
C LEU C 224 -4.09 -17.68 -12.04
N VAL C 225 -4.79 -18.21 -11.06
CA VAL C 225 -5.60 -19.42 -11.27
C VAL C 225 -6.57 -19.22 -12.46
N THR C 226 -7.21 -18.06 -12.55
CA THR C 226 -8.22 -17.82 -13.59
C THR C 226 -7.62 -17.71 -14.97
N GLN C 227 -6.29 -17.43 -15.08
CA GLN C 227 -5.76 -17.32 -16.45
C GLN C 227 -4.42 -17.97 -16.61
N ARG C 228 -4.32 -19.10 -15.94
CA ARG C 228 -3.05 -19.82 -15.91
C ARG C 228 -2.55 -20.25 -17.27
N ASP C 229 -3.40 -20.76 -18.14
CA ASP C 229 -2.99 -21.13 -19.48
C ASP C 229 -2.59 -19.93 -20.34
N ALA C 230 -3.30 -18.84 -20.13
CA ALA C 230 -2.94 -17.61 -20.82
C ALA C 230 -1.51 -17.21 -20.44
N ASP C 231 -1.19 -17.32 -19.17
CA ASP C 231 0.13 -16.92 -18.66
C ASP C 231 1.18 -17.85 -19.21
N VAL C 232 0.90 -19.14 -19.36
CA VAL C 232 1.85 -20.02 -20.02
C VAL C 232 2.07 -19.59 -21.48
N GLN C 233 0.97 -19.30 -22.15
CA GLN C 233 1.25 -18.95 -23.57
C GLN C 233 2.02 -17.64 -23.64
N ASN C 234 1.73 -16.68 -22.78
CA ASN C 234 2.50 -15.42 -22.79
C ASN C 234 3.95 -15.63 -22.49
N PHE C 235 4.30 -16.51 -21.54
CA PHE C 235 5.64 -16.90 -21.21
C PHE C 235 6.31 -17.50 -22.44
N VAL C 236 5.64 -18.44 -23.10
CA VAL C 236 6.28 -19.11 -24.23
C VAL C 236 6.50 -18.11 -25.33
N SER C 237 5.52 -17.24 -25.58
CA SER C 237 5.76 -16.29 -26.69
C SER C 237 6.88 -15.33 -26.37
N PHE C 238 6.87 -14.84 -25.12
CA PHE C 238 7.92 -13.89 -24.73
C PHE C 238 9.29 -14.52 -24.75
N ILE C 239 9.53 -15.67 -24.13
CA ILE C 239 10.86 -16.25 -24.00
C ILE C 239 11.46 -16.82 -25.29
N SER C 240 10.55 -17.09 -26.20
CA SER C 240 10.94 -17.57 -27.52
C SER C 240 11.40 -16.45 -28.44
N LYS C 241 11.30 -15.17 -28.09
CA LYS C 241 11.72 -14.11 -29.03
C LYS C 241 13.20 -14.25 -29.24
N ASP C 242 13.74 -13.94 -30.46
CA ASP C 242 15.17 -14.18 -30.65
C ASP C 242 16.17 -13.41 -29.77
N SER C 243 15.84 -12.18 -29.39
CA SER C 243 16.65 -11.34 -28.54
C SER C 243 16.76 -11.91 -27.13
N ILE C 244 15.62 -12.49 -26.75
CA ILE C 244 15.60 -13.09 -25.41
C ILE C 244 16.46 -14.33 -25.46
N GLN C 245 16.19 -15.19 -26.50
CA GLN C 245 17.04 -16.38 -26.60
C GLN C 245 18.53 -16.09 -26.68
N LYS C 246 18.88 -15.02 -27.44
CA LYS C 246 20.30 -14.70 -27.54
C LYS C 246 20.89 -14.26 -26.22
N SER C 247 20.15 -13.43 -25.48
CA SER C 247 20.67 -13.04 -24.16
C SER C 247 20.86 -14.22 -23.23
N LEU C 248 19.91 -15.19 -23.26
CA LEU C 248 20.09 -16.31 -22.34
C LEU C 248 21.28 -17.16 -22.75
N GLN C 249 21.42 -17.39 -24.07
CA GLN C 249 22.55 -18.23 -24.45
C GLN C 249 23.91 -17.55 -24.21
N MET C 250 23.89 -16.24 -24.40
CA MET C 250 25.14 -15.52 -24.16
C MET C 250 25.48 -15.76 -22.69
N TYR C 251 24.43 -15.47 -21.90
CA TYR C 251 24.62 -15.57 -20.45
C TYR C 251 25.07 -16.98 -20.12
N LEU C 252 24.37 -17.95 -20.71
CA LEU C 252 24.87 -19.30 -20.45
C LEU C 252 26.21 -19.56 -21.17
#